data_8W5I
#
_entry.id   8W5I
#
_cell.length_a   1.00
_cell.length_b   1.00
_cell.length_c   1.00
_cell.angle_alpha   90.00
_cell.angle_beta   90.00
_cell.angle_gamma   90.00
#
_symmetry.space_group_name_H-M   'P 1'
#
loop_
_entity.id
_entity.type
_entity.pdbx_description
1 polymer 'Heavy chain of Ab14'
2 polymer 'Light chain of Ab14'
3 polymer 'Minor capsid protein A1'
#
loop_
_entity_poly.entity_id
_entity_poly.type
_entity_poly.pdbx_seq_one_letter_code
_entity_poly.pdbx_strand_id
1 'polypeptide(L)'
;VHSQVQLQQSGAELVRPGASVKLSCKASGYTFTDYYINWVKQRPGQGLEWIARIYPGSGNTYYNEKFKGKATLTAEKSSS
TTYMRLNSLTSEDSAVYFCARDDVYPFYFDYWGQGTTLTVSSA
;
H
2 'polypeptide(L)'
;VHSQIVLTQSPAIMSASPGEKVTMTCRASSSVSSSYLHWYQQKSGASPKLWIYSTSNLASGVPARFSGSGSGTSYSLTIS
SVEAEDAATYYCQQYSGYPYTFGGGTKLEIK
;
L
3 'polypeptide(L)'
;MAKLETVTLGNIGKDGKQTLVLNPRGVNPTNGVASLSQAGAVPALEKRVTVSVSQPSRNRKNYKVQVKIQNPTACTANGS
CDPSVTRQAYADVTFSFTQYSTDEERAFVRTELAALLASPLLIDAIDQLNPAY
;
A,B,C,D,E
#
# COMPACT_ATOMS: atom_id res chain seq x y z
N VAL A 5 14.29 24.22 -11.45
CA VAL A 5 13.67 22.96 -11.83
C VAL A 5 12.42 23.16 -12.68
N GLN A 6 12.40 22.54 -13.86
CA GLN A 6 11.35 22.79 -14.84
C GLN A 6 11.26 21.58 -15.76
N LEU A 7 10.37 21.68 -16.75
CA LEU A 7 10.22 20.69 -17.79
C LEU A 7 9.48 21.33 -18.96
N GLN A 8 9.91 21.03 -20.18
CA GLN A 8 9.31 21.58 -21.37
C GLN A 8 8.89 20.45 -22.29
N GLN A 9 7.82 20.68 -23.06
CA GLN A 9 7.24 19.56 -23.79
C GLN A 9 7.67 19.46 -25.25
N SER A 10 7.16 20.37 -26.08
CA SER A 10 7.25 20.29 -27.54
C SER A 10 6.59 21.51 -28.18
N GLY A 11 6.58 21.56 -29.51
CA GLY A 11 5.83 22.55 -30.24
C GLY A 11 4.49 22.01 -30.73
N ALA A 12 3.78 22.87 -31.46
CA ALA A 12 2.48 22.51 -32.00
C ALA A 12 2.65 21.59 -33.21
N GLU A 13 1.60 20.83 -33.50
CA GLU A 13 1.60 19.94 -34.66
C GLU A 13 0.16 19.62 -35.04
N LEU A 14 0.01 18.99 -36.20
CA LEU A 14 -1.27 18.49 -36.65
C LEU A 14 -1.04 17.16 -37.36
N VAL A 15 -2.03 16.28 -37.27
CA VAL A 15 -2.04 15.04 -38.03
C VAL A 15 -3.40 14.87 -38.67
N ARG A 16 -3.41 14.20 -39.80
CA ARG A 16 -4.64 13.85 -40.48
C ARG A 16 -5.22 12.60 -39.83
N PRO A 17 -6.56 12.48 -39.77
CA PRO A 17 -7.17 11.47 -38.89
C PRO A 17 -6.95 10.04 -39.35
N GLY A 18 -6.91 9.15 -38.37
CA GLY A 18 -6.53 7.76 -38.59
C GLY A 18 -5.10 7.44 -38.22
N ALA A 19 -4.27 8.44 -37.99
CA ALA A 19 -2.85 8.26 -37.72
C ALA A 19 -2.63 8.06 -36.23
N SER A 20 -1.37 8.16 -35.79
CA SER A 20 -1.01 8.05 -34.39
C SER A 20 0.18 8.95 -34.12
N VAL A 21 0.28 9.45 -32.89
CA VAL A 21 1.23 10.51 -32.58
C VAL A 21 2.15 10.11 -31.44
N LYS A 22 3.25 10.85 -31.33
CA LYS A 22 4.14 10.82 -30.18
C LYS A 22 4.07 12.16 -29.47
N LEU A 23 4.13 12.14 -28.15
CA LEU A 23 4.30 13.35 -27.37
C LEU A 23 5.33 13.09 -26.29
N SER A 24 5.97 14.16 -25.83
CA SER A 24 7.06 13.98 -24.89
C SER A 24 7.24 15.24 -24.07
N CYS A 25 7.69 15.08 -22.84
CA CYS A 25 8.17 16.19 -22.04
C CYS A 25 9.38 15.76 -21.23
N LYS A 26 10.48 16.47 -21.44
CA LYS A 26 11.77 16.13 -20.86
C LYS A 26 11.96 16.87 -19.54
N ALA A 27 12.45 16.16 -18.53
CA ALA A 27 12.65 16.73 -17.21
C ALA A 27 14.08 17.19 -17.02
N SER A 28 14.26 18.17 -16.14
CA SER A 28 15.57 18.71 -15.84
C SER A 28 15.51 19.39 -14.48
N GLY A 29 16.54 19.20 -13.68
CA GLY A 29 16.63 19.86 -12.40
C GLY A 29 16.35 19.01 -11.19
N TYR A 30 16.22 17.69 -11.36
CA TYR A 30 16.00 16.76 -10.25
C TYR A 30 16.33 15.37 -10.75
N THR A 31 16.47 14.44 -9.82
CA THR A 31 16.76 13.06 -10.18
C THR A 31 15.50 12.38 -10.72
N PHE A 32 15.66 11.70 -11.85
CA PHE A 32 14.51 11.42 -12.72
C PHE A 32 13.63 10.31 -12.20
N THR A 33 14.22 9.37 -11.55
CA THR A 33 13.42 8.27 -11.20
C THR A 33 13.08 8.28 -9.79
N ASP A 34 12.19 9.16 -9.43
CA ASP A 34 11.80 9.24 -8.09
C ASP A 34 10.56 9.89 -7.80
N TYR A 35 9.91 10.28 -8.83
CA TYR A 35 8.63 10.98 -8.75
C TYR A 35 7.73 10.51 -9.87
N TYR A 36 6.43 10.54 -9.62
CA TYR A 36 5.47 10.17 -10.65
C TYR A 36 5.37 11.30 -11.68
N ILE A 37 4.83 10.96 -12.85
CA ILE A 37 4.58 11.91 -13.93
C ILE A 37 3.20 11.64 -14.47
N ASN A 38 2.40 12.69 -14.64
CA ASN A 38 1.03 12.55 -15.11
C ASN A 38 0.87 13.21 -16.47
N TRP A 39 -0.33 13.10 -17.02
CA TRP A 39 -0.72 13.82 -18.22
C TRP A 39 -2.15 14.31 -18.01
N VAL A 40 -2.47 15.45 -18.60
CA VAL A 40 -3.73 16.14 -18.34
C VAL A 40 -4.23 16.75 -19.65
N LYS A 41 -5.49 16.52 -19.97
CA LYS A 41 -6.12 17.10 -21.16
C LYS A 41 -6.98 18.30 -20.78
N GLN A 42 -6.78 19.42 -21.46
CA GLN A 42 -7.68 20.57 -21.36
C GLN A 42 -8.28 20.86 -22.73
N ARG A 43 -9.46 20.33 -22.96
CA ARG A 43 -10.31 20.82 -24.05
C ARG A 43 -10.66 22.28 -23.76
N PRO A 44 -10.54 23.17 -24.76
CA PRO A 44 -10.46 24.61 -24.44
C PRO A 44 -11.75 25.22 -23.93
N GLY A 45 -12.90 24.81 -24.47
CA GLY A 45 -14.14 25.41 -24.03
C GLY A 45 -14.67 24.89 -22.72
N GLN A 46 -14.13 23.79 -22.22
CA GLN A 46 -14.72 23.04 -21.12
C GLN A 46 -13.71 22.83 -20.00
N GLY A 47 -14.14 22.08 -18.99
CA GLY A 47 -13.26 21.73 -17.90
C GLY A 47 -12.21 20.73 -18.33
N LEU A 48 -11.18 20.58 -17.51
CA LEU A 48 -10.02 19.81 -17.87
C LEU A 48 -9.87 18.59 -16.98
N GLU A 49 -9.39 17.49 -17.56
CA GLU A 49 -9.49 16.19 -16.93
C GLU A 49 -8.17 15.43 -17.06
N TRP A 50 -8.12 14.26 -16.43
CA TRP A 50 -6.92 13.49 -16.18
C TRP A 50 -6.90 12.23 -17.04
N ILE A 51 -5.72 11.81 -17.48
CA ILE A 51 -5.65 10.68 -18.39
C ILE A 51 -4.71 9.54 -17.95
N ALA A 52 -3.48 9.71 -17.58
CA ALA A 52 -2.63 8.56 -17.23
C ALA A 52 -1.59 8.80 -16.27
N ARG A 53 -0.92 7.84 -15.69
CA ARG A 53 0.12 8.15 -14.71
C ARG A 53 1.21 7.15 -14.52
N ILE A 54 2.50 7.38 -14.76
CA ILE A 54 3.48 6.29 -14.62
C ILE A 54 4.67 6.55 -13.80
N TYR A 55 5.32 5.62 -13.18
CA TYR A 55 6.52 5.80 -12.38
C TYR A 55 7.71 5.40 -13.22
N PRO A 56 8.73 6.24 -13.37
CA PRO A 56 9.81 5.91 -14.31
C PRO A 56 10.76 4.85 -13.81
N GLY A 57 10.98 4.75 -12.50
CA GLY A 57 12.00 3.84 -11.99
C GLY A 57 11.60 2.38 -12.12
N SER A 58 10.32 2.12 -12.31
CA SER A 58 9.83 0.80 -12.66
C SER A 58 8.99 0.96 -13.91
N GLY A 59 8.22 -0.05 -14.26
CA GLY A 59 7.16 0.20 -15.21
C GLY A 59 5.83 -0.05 -14.56
N ASN A 60 5.08 1.00 -14.28
CA ASN A 60 3.80 0.87 -13.59
C ASN A 60 2.87 1.96 -14.11
N THR A 61 1.87 1.56 -14.88
CA THR A 61 0.98 2.52 -15.52
C THR A 61 -0.43 2.32 -14.98
N TYR A 62 -1.08 3.35 -14.55
CA TYR A 62 -2.45 3.19 -14.18
C TYR A 62 -3.21 4.05 -15.05
N TYR A 63 -4.36 3.70 -15.55
CA TYR A 63 -5.02 4.57 -16.48
C TYR A 63 -6.44 4.88 -16.26
N ASN A 64 -6.97 5.89 -16.85
CA ASN A 64 -8.36 6.25 -16.70
C ASN A 64 -9.20 5.33 -17.56
N GLU A 65 -10.38 4.96 -17.05
CA GLU A 65 -11.19 3.97 -17.73
C GLU A 65 -11.91 4.52 -18.95
N LYS A 66 -12.03 5.84 -19.07
CA LYS A 66 -12.61 6.41 -20.27
C LYS A 66 -11.66 6.28 -21.46
N PHE A 67 -10.36 6.39 -21.20
CA PHE A 67 -9.34 6.38 -22.22
C PHE A 67 -8.46 5.16 -22.06
N LYS A 68 -9.09 4.02 -21.82
CA LYS A 68 -8.36 2.82 -21.42
C LYS A 68 -7.59 2.22 -22.59
N GLY A 69 -8.24 2.08 -23.73
CA GLY A 69 -7.58 1.59 -24.91
C GLY A 69 -7.05 2.65 -25.83
N LYS A 70 -7.22 3.92 -25.47
CA LYS A 70 -6.80 4.99 -26.36
C LYS A 70 -5.31 5.27 -26.26
N ALA A 71 -4.78 5.35 -25.06
CA ALA A 71 -3.42 5.84 -24.88
C ALA A 71 -2.53 4.78 -24.25
N THR A 72 -1.32 4.67 -24.80
CA THR A 72 -0.26 3.90 -24.18
C THR A 72 0.92 4.83 -24.00
N LEU A 73 1.69 4.62 -22.93
CA LEU A 73 2.79 5.52 -22.67
C LEU A 73 3.93 4.79 -21.98
N THR A 74 5.16 5.18 -22.34
CA THR A 74 6.38 4.55 -21.86
C THR A 74 7.32 5.61 -21.32
N ALA A 75 8.41 5.15 -20.72
CA ALA A 75 9.39 6.06 -20.12
C ALA A 75 10.80 5.52 -20.34
N GLU A 76 11.66 6.34 -20.93
CA GLU A 76 13.06 5.99 -21.15
C GLU A 76 13.92 6.60 -20.05
N LYS A 77 14.74 5.77 -19.42
CA LYS A 77 15.43 6.20 -18.22
C LYS A 77 16.68 7.02 -18.52
N SER A 78 17.37 6.71 -19.63
CA SER A 78 18.64 7.34 -19.93
C SER A 78 18.45 8.80 -20.34
N SER A 79 17.66 9.03 -21.39
CA SER A 79 17.42 10.38 -21.86
C SER A 79 16.49 11.17 -20.96
N SER A 80 15.86 10.53 -19.98
CA SER A 80 15.00 11.14 -18.96
C SER A 80 13.82 11.86 -19.60
N THR A 81 13.14 11.18 -20.51
CA THR A 81 11.94 11.67 -21.15
C THR A 81 10.79 10.71 -20.88
N THR A 82 9.61 11.05 -21.40
CA THR A 82 8.43 10.21 -21.22
C THR A 82 7.56 10.34 -22.45
N TYR A 83 7.35 9.23 -23.15
CA TYR A 83 6.63 9.24 -24.41
C TYR A 83 5.19 8.81 -24.18
N MET A 84 4.27 9.46 -24.87
CA MET A 84 2.85 9.09 -24.82
C MET A 84 2.34 8.95 -26.24
N ARG A 85 1.54 7.91 -26.47
CA ARG A 85 1.07 7.57 -27.81
C ARG A 85 -0.44 7.43 -27.81
N LEU A 86 -1.08 8.09 -28.76
CA LEU A 86 -2.49 7.90 -29.03
C LEU A 86 -2.68 6.94 -30.21
N ASN A 87 -3.95 6.66 -30.53
CA ASN A 87 -4.25 5.88 -31.73
C ASN A 87 -5.65 6.22 -32.20
N SER A 88 -5.90 5.95 -33.48
CA SER A 88 -7.20 6.10 -34.15
C SER A 88 -7.74 7.51 -33.99
N LEU A 89 -6.96 8.46 -34.47
CA LEU A 89 -7.22 9.86 -34.19
C LEU A 89 -8.45 10.36 -34.93
N THR A 90 -9.15 11.29 -34.31
CA THR A 90 -10.36 11.85 -34.87
C THR A 90 -10.46 13.30 -34.44
N SER A 91 -11.59 13.93 -34.74
CA SER A 91 -11.81 15.32 -34.36
C SER A 91 -12.40 15.47 -32.96
N GLU A 92 -12.40 14.40 -32.16
CA GLU A 92 -12.94 14.51 -30.81
C GLU A 92 -11.89 15.08 -29.87
N ASP A 93 -10.63 14.72 -30.07
CA ASP A 93 -9.53 15.24 -29.27
C ASP A 93 -8.77 16.31 -30.03
N SER A 94 -8.96 17.56 -29.62
CA SER A 94 -8.18 18.66 -30.17
C SER A 94 -8.00 19.66 -29.05
N ALA A 95 -6.89 19.58 -28.34
CA ALA A 95 -6.78 20.24 -27.05
C ALA A 95 -5.31 20.49 -26.76
N VAL A 96 -5.05 21.11 -25.61
CA VAL A 96 -3.69 21.23 -25.09
C VAL A 96 -3.48 20.13 -24.08
N TYR A 97 -2.29 19.52 -24.11
CA TYR A 97 -2.00 18.38 -23.25
C TYR A 97 -0.85 18.76 -22.33
N PHE A 98 -1.09 18.73 -21.03
CA PHE A 98 -0.09 19.08 -20.04
C PHE A 98 0.55 17.84 -19.45
N CYS A 99 1.70 18.03 -18.81
CA CYS A 99 2.29 17.00 -17.99
C CYS A 99 2.83 17.65 -16.73
N ALA A 100 2.61 17.01 -15.58
CA ALA A 100 2.97 17.61 -14.30
C ALA A 100 3.52 16.53 -13.38
N ARG A 101 4.42 16.96 -12.51
CA ARG A 101 5.11 16.08 -11.58
C ARG A 101 4.47 16.19 -10.21
N ASP A 102 4.34 15.07 -9.52
CA ASP A 102 3.98 15.08 -8.11
C ASP A 102 4.78 14.02 -7.35
N ASP A 103 4.69 14.08 -6.03
CA ASP A 103 5.10 12.91 -5.28
C ASP A 103 3.79 12.40 -4.69
N VAL A 104 3.73 11.91 -3.46
CA VAL A 104 2.45 11.41 -2.99
C VAL A 104 1.66 11.70 -1.75
N TYR A 105 2.11 12.33 -0.67
CA TYR A 105 1.20 12.37 0.48
C TYR A 105 -0.09 13.11 0.32
N PRO A 106 -0.06 14.33 -0.12
CA PRO A 106 -1.35 15.00 -0.27
C PRO A 106 -1.30 15.01 -1.70
N PHE A 107 -2.18 14.32 -2.37
CA PHE A 107 -1.94 14.21 -3.76
C PHE A 107 -2.38 15.42 -4.45
N TYR A 108 -1.42 16.17 -4.92
CA TYR A 108 -1.61 17.37 -5.69
C TYR A 108 -0.48 17.51 -6.66
N PHE A 109 -0.50 18.47 -7.56
CA PHE A 109 0.49 18.44 -8.63
C PHE A 109 1.45 19.60 -8.41
N ASP A 110 2.75 19.31 -8.30
CA ASP A 110 3.74 20.35 -8.07
C ASP A 110 3.87 21.35 -9.20
N TYR A 111 4.42 20.89 -10.32
CA TYR A 111 5.04 21.74 -11.32
C TYR A 111 4.42 21.43 -12.67
N TRP A 112 3.70 22.39 -13.23
CA TRP A 112 3.10 22.22 -14.53
C TRP A 112 4.08 22.66 -15.61
N GLY A 113 4.04 21.99 -16.75
CA GLY A 113 4.77 22.48 -17.89
C GLY A 113 3.88 23.25 -18.83
N GLN A 114 4.51 23.98 -19.75
CA GLN A 114 3.77 24.69 -20.78
C GLN A 114 3.13 23.69 -21.73
N GLY A 115 1.96 24.05 -22.25
CA GLY A 115 1.14 23.08 -22.93
C GLY A 115 1.50 22.87 -24.38
N THR A 116 1.06 21.73 -24.90
CA THR A 116 1.21 21.37 -26.31
C THR A 116 -0.17 21.21 -26.91
N THR A 117 -0.53 22.11 -27.83
CA THR A 117 -1.80 21.95 -28.50
C THR A 117 -1.71 20.86 -29.55
N LEU A 118 -2.87 20.43 -30.04
CA LEU A 118 -2.94 19.36 -31.02
C LEU A 118 -4.22 19.52 -31.82
N THR A 119 -4.11 19.52 -33.15
CA THR A 119 -5.26 19.71 -34.00
C THR A 119 -5.38 18.54 -34.97
N VAL A 120 -6.62 18.22 -35.32
CA VAL A 120 -6.92 17.17 -36.28
C VAL A 120 -7.79 17.73 -37.40
N GLN B 4 -18.46 8.33 -10.37
CA GLN B 4 -18.00 7.89 -9.07
C GLN B 4 -17.90 9.07 -8.09
N ILE B 5 -17.59 10.25 -8.63
CA ILE B 5 -17.64 11.50 -7.89
C ILE B 5 -17.76 12.64 -8.90
N VAL B 6 -18.67 13.57 -8.65
CA VAL B 6 -18.98 14.65 -9.58
C VAL B 6 -18.95 15.95 -8.80
N LEU B 7 -18.31 16.96 -9.36
CA LEU B 7 -18.25 18.27 -8.73
C LEU B 7 -19.24 19.24 -9.36
N THR B 8 -19.73 20.17 -8.55
CA THR B 8 -20.59 21.25 -9.00
C THR B 8 -20.11 22.54 -8.36
N GLN B 9 -19.61 23.46 -9.17
CA GLN B 9 -19.27 24.80 -8.72
C GLN B 9 -20.43 25.72 -9.09
N SER B 10 -21.18 26.16 -8.09
CA SER B 10 -22.49 26.76 -8.30
C SER B 10 -22.51 28.14 -8.96
N PRO B 11 -21.54 29.04 -8.78
CA PRO B 11 -21.47 30.18 -9.69
C PRO B 11 -20.67 29.83 -10.93
N ALA B 12 -20.90 30.59 -11.99
CA ALA B 12 -20.11 30.40 -13.20
C ALA B 12 -19.53 31.72 -13.66
N ILE B 13 -20.25 32.81 -13.42
CA ILE B 13 -19.76 34.15 -13.73
C ILE B 13 -19.94 35.02 -12.50
N MET B 14 -19.09 36.04 -12.39
CA MET B 14 -19.09 36.96 -11.26
C MET B 14 -18.66 38.34 -11.75
N SER B 15 -18.99 39.35 -10.95
CA SER B 15 -18.61 40.73 -11.22
C SER B 15 -17.52 41.17 -10.25
N ALA B 16 -16.80 42.22 -10.63
CA ALA B 16 -15.63 42.66 -9.88
C ALA B 16 -15.79 44.12 -9.45
N SER B 17 -15.59 44.36 -8.15
CA SER B 17 -15.53 45.70 -7.57
C SER B 17 -14.49 45.61 -6.47
N PRO B 18 -13.58 46.58 -6.36
CA PRO B 18 -12.39 46.39 -5.51
C PRO B 18 -12.64 46.48 -3.99
N GLY B 19 -13.87 46.48 -3.53
CA GLY B 19 -14.10 46.56 -2.09
C GLY B 19 -14.97 45.45 -1.54
N GLU B 20 -15.59 44.68 -2.43
CA GLU B 20 -16.58 43.69 -2.05
C GLU B 20 -15.93 42.46 -1.44
N LYS B 21 -16.77 41.51 -1.02
CA LYS B 21 -16.32 40.24 -0.47
C LYS B 21 -17.03 39.14 -1.23
N VAL B 22 -16.27 38.38 -2.03
CA VAL B 22 -16.87 37.42 -2.93
C VAL B 22 -16.43 36.02 -2.49
N THR B 23 -17.26 35.03 -2.83
CA THR B 23 -17.09 33.67 -2.34
C THR B 23 -17.71 32.69 -3.33
N MET B 24 -16.93 31.70 -3.75
CA MET B 24 -17.44 30.60 -4.55
C MET B 24 -17.37 29.31 -3.75
N THR B 25 -18.30 28.41 -4.03
CA THR B 25 -18.43 27.14 -3.32
C THR B 25 -18.35 25.98 -4.30
N CYS B 26 -18.18 24.78 -3.75
CA CYS B 26 -18.23 23.57 -4.54
C CYS B 26 -18.86 22.47 -3.71
N ARG B 27 -19.38 21.45 -4.39
CA ARG B 27 -20.14 20.40 -3.72
C ARG B 27 -19.89 19.07 -4.40
N ALA B 28 -19.66 18.04 -3.61
CA ALA B 28 -19.40 16.71 -4.13
C ALA B 28 -20.69 15.90 -4.16
N SER B 29 -20.60 14.67 -4.66
CA SER B 29 -21.73 13.76 -4.69
C SER B 29 -21.57 12.61 -3.72
N SER B 30 -20.48 12.60 -2.94
CA SER B 30 -20.29 11.65 -1.87
C SER B 30 -19.36 12.28 -0.85
N SER B 31 -18.89 11.48 0.11
CA SER B 31 -18.09 12.01 1.21
C SER B 31 -16.61 11.99 0.81
N VAL B 32 -16.22 13.00 0.04
CA VAL B 32 -14.81 13.23 -0.22
C VAL B 32 -14.18 13.71 1.08
N SER B 33 -13.16 12.99 1.53
CA SER B 33 -12.52 13.30 2.80
C SER B 33 -11.80 14.65 2.72
N SER B 34 -11.58 15.24 3.89
CA SER B 34 -10.81 16.46 3.95
C SER B 34 -9.34 16.13 3.75
N SER B 35 -8.54 17.19 3.62
CA SER B 35 -7.10 17.16 3.39
C SER B 35 -6.69 16.42 2.13
N TYR B 36 -7.60 16.23 1.19
CA TYR B 36 -7.25 15.68 -0.11
C TYR B 36 -7.53 16.61 -1.26
N LEU B 37 -8.15 17.75 -1.03
CA LEU B 37 -8.67 18.52 -2.15
C LEU B 37 -8.16 19.95 -2.10
N HIS B 38 -8.14 20.58 -3.27
CA HIS B 38 -7.23 21.67 -3.54
C HIS B 38 -7.93 22.74 -4.36
N TRP B 39 -7.17 23.78 -4.71
CA TRP B 39 -7.65 24.84 -5.58
C TRP B 39 -6.52 25.29 -6.49
N TYR B 40 -6.81 25.47 -7.76
CA TYR B 40 -5.85 25.97 -8.72
C TYR B 40 -6.41 27.21 -9.39
N GLN B 41 -5.55 28.17 -9.72
CA GLN B 41 -5.98 29.32 -10.53
C GLN B 41 -5.19 29.27 -11.82
N GLN B 42 -5.90 29.34 -12.93
CA GLN B 42 -5.25 29.36 -14.23
C GLN B 42 -5.42 30.73 -14.86
N LYS B 43 -4.32 31.25 -15.39
CA LYS B 43 -4.32 32.53 -16.09
C LYS B 43 -5.04 32.34 -17.44
N SER B 44 -5.29 33.45 -18.13
CA SER B 44 -6.05 33.44 -19.37
C SER B 44 -5.38 32.63 -20.47
N GLY B 45 -4.05 32.61 -20.50
CA GLY B 45 -3.37 31.88 -21.55
C GLY B 45 -2.14 31.08 -21.17
N ALA B 46 -2.13 30.47 -19.99
CA ALA B 46 -0.94 29.79 -19.53
C ALA B 46 -1.32 28.54 -18.72
N SER B 47 -0.31 27.86 -18.23
CA SER B 47 -0.41 26.68 -17.42
C SER B 47 -0.89 27.04 -16.01
N PRO B 48 -1.65 26.16 -15.37
CA PRO B 48 -2.17 26.48 -14.03
C PRO B 48 -1.08 26.38 -12.98
N LYS B 49 -1.47 26.70 -11.74
CA LYS B 49 -0.57 26.64 -10.60
C LYS B 49 -1.40 26.49 -9.33
N LEU B 50 -0.74 26.05 -8.27
CA LEU B 50 -1.44 25.75 -7.02
C LEU B 50 -1.89 27.01 -6.33
N TRP B 51 -3.01 26.91 -5.62
CA TRP B 51 -3.45 28.01 -4.77
C TRP B 51 -3.64 27.61 -3.32
N ILE B 52 -4.43 26.58 -3.04
CA ILE B 52 -4.65 26.11 -1.68
C ILE B 52 -4.45 24.60 -1.68
N TYR B 53 -3.60 24.10 -0.79
CA TYR B 53 -3.49 22.67 -0.62
C TYR B 53 -4.08 22.25 0.71
N SER B 54 -4.74 21.10 0.70
CA SER B 54 -5.39 20.48 1.87
C SER B 54 -6.43 21.37 2.53
N THR B 55 -7.01 22.32 1.79
CA THR B 55 -8.14 23.19 2.12
C THR B 55 -7.88 24.21 3.22
N SER B 56 -6.74 24.16 3.88
CA SER B 56 -6.52 25.04 5.03
C SER B 56 -5.38 26.02 4.79
N ASN B 57 -4.17 25.55 4.54
CA ASN B 57 -3.02 26.44 4.50
C ASN B 57 -2.75 26.88 3.07
N LEU B 58 -1.66 27.60 2.88
CA LEU B 58 -1.42 28.29 1.63
C LEU B 58 -0.06 27.92 1.06
N ALA B 59 0.11 28.20 -0.23
CA ALA B 59 1.40 28.03 -0.85
C ALA B 59 2.29 29.24 -0.56
N SER B 60 3.47 29.25 -1.19
CA SER B 60 4.48 30.25 -0.84
C SER B 60 4.13 31.62 -1.42
N GLY B 61 3.83 31.68 -2.72
CA GLY B 61 3.62 32.97 -3.35
C GLY B 61 2.23 33.53 -3.14
N VAL B 62 1.44 32.91 -2.28
CA VAL B 62 0.07 33.33 -2.04
C VAL B 62 0.06 34.55 -1.14
N PRO B 63 -0.70 35.59 -1.47
CA PRO B 63 -0.87 36.72 -0.56
C PRO B 63 -1.71 36.37 0.65
N ALA B 64 -1.97 37.41 1.46
CA ALA B 64 -2.35 37.19 2.85
C ALA B 64 -3.79 36.77 3.01
N ARG B 65 -4.66 37.12 2.05
CA ARG B 65 -6.06 37.26 2.41
C ARG B 65 -6.98 36.14 1.91
N PHE B 66 -6.54 35.22 1.05
CA PHE B 66 -7.48 34.19 0.62
C PHE B 66 -7.45 33.02 1.59
N SER B 67 -8.64 32.52 1.93
CA SER B 67 -8.74 31.48 2.93
C SER B 67 -9.86 30.51 2.63
N GLY B 68 -9.53 29.23 2.46
CA GLY B 68 -10.55 28.22 2.31
C GLY B 68 -11.00 27.65 3.63
N SER B 69 -12.15 26.98 3.62
CA SER B 69 -12.72 26.43 4.83
C SER B 69 -13.65 25.30 4.46
N GLY B 70 -14.44 24.85 5.42
CA GLY B 70 -15.46 23.85 5.18
C GLY B 70 -15.08 22.49 5.70
N SER B 71 -16.05 21.78 6.26
CA SER B 71 -15.91 20.40 6.68
C SER B 71 -17.09 19.62 6.14
N GLY B 72 -16.82 18.45 5.57
CA GLY B 72 -17.89 17.64 5.04
C GLY B 72 -17.90 17.52 3.53
N THR B 73 -19.03 17.85 2.90
CA THR B 73 -19.21 17.65 1.46
C THR B 73 -19.61 18.94 0.74
N SER B 74 -19.26 20.11 1.28
CA SER B 74 -19.59 21.37 0.63
C SER B 74 -18.58 22.41 1.09
N TYR B 75 -17.60 22.69 0.25
CA TYR B 75 -16.44 23.50 0.64
C TYR B 75 -16.47 24.82 -0.10
N SER B 76 -15.67 25.77 0.37
CA SER B 76 -15.76 27.12 -0.15
C SER B 76 -14.45 27.86 0.01
N LEU B 77 -14.24 28.81 -0.88
CA LEU B 77 -13.12 29.73 -0.83
C LEU B 77 -13.70 31.12 -0.67
N THR B 78 -13.21 31.87 0.30
CA THR B 78 -13.71 33.21 0.56
C THR B 78 -12.65 34.23 0.24
N ILE B 79 -12.99 35.17 -0.62
CA ILE B 79 -12.13 36.27 -0.98
C ILE B 79 -12.58 37.50 -0.22
N SER B 80 -11.68 38.12 0.52
CA SER B 80 -11.91 39.42 1.12
C SER B 80 -10.95 40.42 0.52
N SER B 81 -11.47 41.62 0.21
CA SER B 81 -10.71 42.74 -0.35
C SER B 81 -10.06 42.38 -1.68
N VAL B 82 -10.91 42.03 -2.66
CA VAL B 82 -10.43 41.70 -3.99
C VAL B 82 -9.94 42.98 -4.68
N GLU B 83 -8.96 42.83 -5.56
CA GLU B 83 -8.46 43.94 -6.36
C GLU B 83 -8.30 43.50 -7.81
N ALA B 84 -7.75 44.38 -8.63
CA ALA B 84 -7.52 44.06 -10.03
C ALA B 84 -6.36 43.08 -10.18
N GLU B 85 -6.32 42.44 -11.34
CA GLU B 85 -5.35 41.39 -11.70
C GLU B 85 -5.37 40.26 -10.69
N ASP B 86 -6.57 39.82 -10.32
CA ASP B 86 -6.76 38.72 -9.39
C ASP B 86 -7.58 37.58 -9.96
N ALA B 87 -8.76 37.85 -10.48
CA ALA B 87 -9.71 36.81 -10.86
C ALA B 87 -9.49 36.40 -12.30
N ALA B 88 -9.00 35.19 -12.53
CA ALA B 88 -9.01 34.63 -13.88
C ALA B 88 -9.88 33.39 -13.98
N THR B 89 -9.53 32.31 -13.30
CA THR B 89 -10.33 31.08 -13.19
C THR B 89 -9.97 30.42 -11.87
N TYR B 90 -10.83 29.53 -11.39
CA TYR B 90 -10.56 28.82 -10.14
C TYR B 90 -11.14 27.40 -10.25
N TYR B 91 -10.28 26.44 -10.53
CA TYR B 91 -10.70 25.05 -10.55
C TYR B 91 -10.45 24.40 -9.21
N CYS B 92 -10.94 23.20 -9.04
CA CYS B 92 -10.76 22.50 -7.80
C CYS B 92 -10.78 21.05 -8.04
N GLN B 93 -10.02 20.26 -7.31
CA GLN B 93 -10.05 18.83 -7.62
C GLN B 93 -9.72 17.98 -6.52
N GLN B 94 -10.19 16.76 -6.44
CA GLN B 94 -9.87 15.96 -5.28
C GLN B 94 -9.52 14.59 -5.60
N TYR B 95 -8.92 13.86 -4.69
CA TYR B 95 -8.64 12.50 -5.01
C TYR B 95 -9.19 11.62 -4.01
N SER B 96 -10.15 10.82 -4.38
CA SER B 96 -10.65 9.83 -3.49
C SER B 96 -10.80 8.60 -4.32
N GLY B 97 -10.57 7.43 -3.76
CA GLY B 97 -10.73 6.24 -4.57
C GLY B 97 -9.72 6.28 -5.69
N TYR B 98 -10.11 6.24 -6.96
CA TYR B 98 -9.07 6.33 -7.95
C TYR B 98 -8.93 7.33 -9.03
N PRO B 99 -9.87 7.44 -9.96
CA PRO B 99 -9.63 8.43 -10.99
C PRO B 99 -9.84 9.79 -10.39
N TYR B 100 -9.02 10.80 -10.66
CA TYR B 100 -9.21 12.15 -10.14
C TYR B 100 -10.22 12.87 -10.94
N THR B 101 -10.73 13.96 -10.46
CA THR B 101 -11.68 14.71 -11.25
C THR B 101 -11.55 16.13 -10.98
N PHE B 102 -11.61 16.98 -11.97
CA PHE B 102 -11.51 18.39 -11.69
C PHE B 102 -12.84 19.04 -11.72
N GLY B 103 -12.89 20.28 -11.32
CA GLY B 103 -14.07 21.11 -11.27
C GLY B 103 -14.54 21.56 -12.64
N GLY B 104 -15.69 22.21 -12.64
CA GLY B 104 -16.21 22.78 -13.87
C GLY B 104 -15.49 24.06 -14.22
N GLY B 105 -15.42 24.97 -13.28
CA GLY B 105 -14.75 26.24 -13.46
C GLY B 105 -15.62 27.39 -13.01
N THR B 106 -14.98 28.48 -12.62
CA THR B 106 -15.66 29.70 -12.24
C THR B 106 -14.71 30.85 -12.50
N LYS B 107 -15.23 32.07 -12.39
CA LYS B 107 -14.41 33.27 -12.59
C LYS B 107 -14.99 34.50 -11.91
N ALA C 2 33.95 -32.20 -20.31
CA ALA C 2 35.01 -31.84 -21.24
C ALA C 2 35.61 -30.50 -20.88
N LYS C 3 34.96 -29.43 -21.34
CA LYS C 3 35.41 -28.07 -21.05
C LYS C 3 34.21 -27.15 -21.17
N LEU C 4 34.06 -26.26 -20.19
CA LEU C 4 32.95 -25.33 -20.20
C LEU C 4 33.09 -24.31 -21.32
N GLU C 5 31.96 -23.88 -21.86
CA GLU C 5 31.90 -22.88 -22.92
C GLU C 5 30.51 -22.29 -22.92
N THR C 6 30.31 -21.30 -23.78
CA THR C 6 28.98 -20.69 -23.88
C THR C 6 28.03 -21.62 -24.60
N VAL C 7 27.25 -22.39 -23.84
CA VAL C 7 26.29 -23.30 -24.43
C VAL C 7 25.12 -22.50 -24.99
N THR C 8 24.92 -22.60 -26.29
CA THR C 8 23.79 -21.96 -26.94
C THR C 8 22.68 -22.98 -27.19
N LEU C 9 21.46 -22.47 -27.31
CA LEU C 9 20.29 -23.32 -27.45
C LEU C 9 19.33 -22.68 -28.45
N GLY C 10 18.68 -23.52 -29.24
CA GLY C 10 17.75 -23.04 -30.24
C GLY C 10 16.49 -23.86 -30.24
N ASN C 11 15.41 -23.22 -30.71
CA ASN C 11 14.08 -23.82 -30.89
C ASN C 11 13.52 -24.35 -29.57
N ILE C 12 13.30 -23.44 -28.64
CA ILE C 12 12.79 -23.75 -27.32
C ILE C 12 11.54 -22.94 -27.07
N GLY C 13 10.47 -23.60 -26.67
CA GLY C 13 9.25 -22.92 -26.30
C GLY C 13 8.06 -23.77 -26.67
N LYS C 14 6.88 -23.17 -26.51
CA LYS C 14 5.67 -23.85 -26.94
C LYS C 14 5.62 -23.96 -28.47
N ASP C 15 6.11 -22.92 -29.15
CA ASP C 15 6.22 -22.94 -30.60
C ASP C 15 7.56 -23.48 -31.08
N GLY C 16 8.62 -23.27 -30.30
CA GLY C 16 9.94 -23.70 -30.71
C GLY C 16 10.65 -22.65 -31.54
N LYS C 17 10.58 -21.39 -31.11
CA LYS C 17 11.17 -20.30 -31.87
C LYS C 17 12.10 -19.45 -31.01
N GLN C 18 11.89 -19.44 -29.71
CA GLN C 18 12.74 -18.68 -28.83
C GLN C 18 14.09 -19.37 -28.65
N THR C 19 15.09 -18.59 -28.29
CA THR C 19 16.42 -19.11 -28.03
C THR C 19 16.85 -18.75 -26.62
N LEU C 20 18.01 -19.27 -26.23
CA LEU C 20 18.55 -19.05 -24.90
C LEU C 20 20.04 -19.29 -24.95
N VAL C 21 20.81 -18.38 -24.36
CA VAL C 21 22.26 -18.51 -24.32
C VAL C 21 22.69 -18.54 -22.87
N LEU C 22 23.74 -19.30 -22.59
CA LEU C 22 24.23 -19.47 -21.24
C LEU C 22 25.73 -19.18 -21.18
N ASN C 23 26.20 -18.84 -19.99
CA ASN C 23 27.60 -18.52 -19.79
C ASN C 23 28.17 -19.34 -18.65
N PRO C 24 29.42 -19.78 -18.75
CA PRO C 24 30.01 -20.56 -17.66
C PRO C 24 30.36 -19.67 -16.48
N ARG C 25 30.15 -20.21 -15.28
CA ARG C 25 30.47 -19.52 -14.03
C ARG C 25 31.20 -20.43 -13.07
N GLY C 26 32.22 -21.11 -13.58
CA GLY C 26 33.19 -21.77 -12.72
C GLY C 26 32.71 -23.06 -12.12
N VAL C 27 33.66 -23.80 -11.56
CA VAL C 27 33.41 -25.10 -10.96
C VAL C 27 33.62 -24.97 -9.46
N ASN C 28 32.60 -25.28 -8.69
CA ASN C 28 32.73 -25.30 -7.24
C ASN C 28 33.58 -26.50 -6.84
N PRO C 29 34.76 -26.29 -6.23
CA PRO C 29 35.62 -27.43 -5.89
C PRO C 29 35.20 -28.15 -4.63
N THR C 30 34.18 -27.66 -3.92
CA THR C 30 33.74 -28.32 -2.70
C THR C 30 33.04 -29.63 -3.02
N ASN C 31 32.16 -29.62 -4.03
CA ASN C 31 31.42 -30.84 -4.36
C ASN C 31 31.31 -31.09 -5.86
N GLY C 32 32.24 -30.56 -6.66
CA GLY C 32 32.32 -30.90 -8.06
C GLY C 32 31.20 -30.42 -8.94
N VAL C 33 30.38 -29.50 -8.45
CA VAL C 33 29.16 -29.09 -9.15
C VAL C 33 29.52 -27.94 -10.09
N ALA C 34 29.47 -28.19 -11.39
CA ALA C 34 29.64 -27.12 -12.36
C ALA C 34 28.38 -26.26 -12.42
N SER C 35 28.48 -25.14 -13.11
CA SER C 35 27.34 -24.23 -13.17
C SER C 35 27.33 -23.50 -14.49
N LEU C 36 26.12 -23.17 -14.95
CA LEU C 36 25.92 -22.29 -16.07
C LEU C 36 24.87 -21.27 -15.66
N SER C 37 24.79 -20.17 -16.39
CA SER C 37 23.84 -19.12 -16.01
C SER C 37 23.50 -18.27 -17.20
N GLN C 38 22.35 -17.62 -17.12
CA GLN C 38 21.94 -16.62 -18.08
C GLN C 38 22.52 -15.28 -17.66
N ALA C 39 22.96 -14.49 -18.62
CA ALA C 39 23.65 -13.23 -18.35
C ALA C 39 22.63 -12.19 -17.88
N GLY C 40 22.30 -12.25 -16.60
CA GLY C 40 21.44 -11.28 -15.97
C GLY C 40 22.21 -10.32 -15.07
N ALA C 41 21.46 -9.36 -14.51
CA ALA C 41 22.05 -8.37 -13.62
C ALA C 41 21.94 -8.76 -12.15
N VAL C 42 20.72 -8.89 -11.66
CA VAL C 42 20.50 -9.21 -10.25
C VAL C 42 20.69 -10.72 -10.06
N PRO C 43 21.51 -11.16 -9.11
CA PRO C 43 21.84 -12.59 -9.01
C PRO C 43 20.75 -13.46 -8.41
N ALA C 44 19.52 -12.99 -8.26
CA ALA C 44 18.41 -13.84 -7.88
C ALA C 44 17.28 -13.81 -8.89
N LEU C 45 17.54 -13.31 -10.09
CA LEU C 45 16.54 -13.25 -11.15
C LEU C 45 17.06 -13.84 -12.45
N GLU C 46 17.85 -14.91 -12.36
CA GLU C 46 18.47 -15.48 -13.53
C GLU C 46 18.35 -17.00 -13.52
N LYS C 47 18.26 -17.55 -14.71
CA LYS C 47 18.13 -18.99 -14.88
C LYS C 47 19.49 -19.65 -14.71
N ARG C 48 19.50 -20.87 -14.18
CA ARG C 48 20.77 -21.53 -13.97
C ARG C 48 20.61 -23.03 -14.11
N VAL C 49 21.70 -23.68 -14.49
CA VAL C 49 21.77 -25.11 -14.79
C VAL C 49 23.01 -25.67 -14.13
N THR C 50 22.88 -26.74 -13.36
CA THR C 50 24.02 -27.40 -12.75
C THR C 50 24.16 -28.81 -13.29
N VAL C 51 25.36 -29.37 -13.12
CA VAL C 51 25.67 -30.72 -13.57
C VAL C 51 26.86 -31.20 -12.76
N SER C 52 26.79 -32.45 -12.27
CA SER C 52 27.84 -32.92 -11.37
C SER C 52 27.91 -34.44 -11.44
N VAL C 53 28.97 -34.95 -12.07
CA VAL C 53 29.24 -36.39 -11.99
C VAL C 53 29.76 -36.73 -10.60
N SER C 54 29.70 -38.01 -10.25
CA SER C 54 30.18 -38.48 -8.96
C SER C 54 30.93 -39.78 -9.14
N GLN C 55 31.57 -40.23 -8.12
CA GLN C 55 32.39 -41.42 -8.24
C GLN C 55 32.05 -42.43 -7.15
N PRO C 56 32.27 -43.72 -7.37
CA PRO C 56 31.95 -44.71 -6.34
C PRO C 56 32.94 -44.67 -5.19
N SER C 57 32.40 -44.50 -3.99
CA SER C 57 33.18 -44.59 -2.76
C SER C 57 33.12 -46.03 -2.25
N ARG C 58 33.55 -46.24 -1.01
CA ARG C 58 33.40 -47.53 -0.36
C ARG C 58 31.99 -47.76 0.19
N ASN C 59 31.08 -46.82 0.00
CA ASN C 59 29.72 -46.90 0.52
C ASN C 59 28.67 -47.05 -0.57
N ARG C 60 28.83 -46.36 -1.69
CA ARG C 60 27.78 -46.20 -2.67
C ARG C 60 27.91 -47.14 -3.87
N LYS C 61 29.13 -47.30 -4.40
CA LYS C 61 29.51 -48.33 -5.37
C LYS C 61 28.82 -48.14 -6.73
N ASN C 62 28.29 -46.96 -7.02
CA ASN C 62 27.65 -46.69 -8.30
C ASN C 62 27.91 -45.26 -8.73
N TYR C 63 28.11 -45.05 -10.02
CA TYR C 63 28.18 -43.71 -10.56
C TYR C 63 26.83 -43.04 -10.48
N LYS C 64 26.83 -41.71 -10.52
CA LYS C 64 25.59 -40.97 -10.33
C LYS C 64 25.74 -39.59 -10.97
N VAL C 65 25.18 -39.43 -12.15
CA VAL C 65 25.16 -38.16 -12.84
C VAL C 65 23.88 -37.45 -12.42
N GLN C 66 23.95 -36.14 -12.17
CA GLN C 66 22.79 -35.42 -11.68
C GLN C 66 22.73 -34.01 -12.24
N VAL C 67 21.57 -33.63 -12.77
CA VAL C 67 21.37 -32.35 -13.46
C VAL C 67 20.19 -31.64 -12.82
N LYS C 68 20.36 -30.37 -12.46
CA LYS C 68 19.29 -29.58 -11.88
C LYS C 68 19.07 -28.31 -12.70
N ILE C 69 17.81 -27.91 -12.82
CA ILE C 69 17.40 -26.72 -13.56
C ILE C 69 16.39 -25.98 -12.70
N GLN C 70 16.54 -24.67 -12.55
CA GLN C 70 15.48 -23.86 -11.94
C GLN C 70 15.26 -22.60 -12.77
N ASN C 71 14.04 -22.10 -12.74
CA ASN C 71 13.65 -20.91 -13.50
C ASN C 71 12.79 -20.02 -12.65
N PRO C 72 13.41 -19.00 -12.02
CA PRO C 72 12.67 -18.06 -11.16
C PRO C 72 11.81 -17.10 -11.96
N THR C 73 10.68 -16.69 -11.37
CA THR C 73 9.76 -15.77 -12.02
C THR C 73 9.70 -14.48 -11.21
N ALA C 74 9.85 -13.34 -11.88
CA ALA C 74 9.85 -12.06 -11.19
C ALA C 74 8.82 -11.06 -11.71
N CYS C 75 8.06 -10.49 -10.78
CA CYS C 75 7.07 -9.50 -11.08
C CYS C 75 7.19 -8.43 -10.02
N THR C 76 6.80 -7.22 -10.34
CA THR C 76 6.97 -6.15 -9.39
C THR C 76 5.67 -5.67 -8.84
N ALA C 77 5.46 -5.88 -7.56
CA ALA C 77 4.22 -5.46 -6.89
C ALA C 77 4.16 -3.96 -6.67
N ASN C 78 3.00 -3.44 -6.32
CA ASN C 78 2.91 -2.01 -6.17
C ASN C 78 3.72 -1.38 -5.12
N GLY C 79 4.07 -0.12 -5.36
CA GLY C 79 4.84 0.63 -4.40
C GLY C 79 6.14 -0.02 -4.04
N SER C 80 6.82 -0.56 -5.02
CA SER C 80 8.05 -1.19 -4.76
C SER C 80 8.91 -0.77 -5.90
N CYS C 81 10.13 -0.41 -5.63
CA CYS C 81 10.94 0.05 -6.70
C CYS C 81 11.25 -0.96 -7.75
N ASP C 82 11.56 -2.19 -7.40
CA ASP C 82 11.91 -3.17 -8.43
C ASP C 82 11.57 -4.62 -8.14
N PRO C 83 11.76 -5.47 -9.13
CA PRO C 83 11.37 -6.86 -9.23
C PRO C 83 11.82 -7.71 -8.11
N SER C 84 10.98 -8.67 -7.81
CA SER C 84 11.19 -9.63 -6.76
C SER C 84 10.97 -11.04 -7.34
N VAL C 85 11.10 -12.09 -6.56
CA VAL C 85 10.93 -13.40 -7.10
C VAL C 85 9.79 -14.07 -6.45
N THR C 86 8.81 -14.55 -7.20
CA THR C 86 7.68 -15.19 -6.56
C THR C 86 7.38 -16.66 -6.79
N ARG C 87 7.78 -17.25 -7.88
CA ARG C 87 7.49 -18.66 -8.08
C ARG C 87 8.63 -19.24 -8.82
N GLN C 88 9.01 -20.46 -8.56
CA GLN C 88 10.07 -21.05 -9.32
C GLN C 88 9.66 -22.38 -9.86
N ALA C 89 10.24 -22.85 -10.95
CA ALA C 89 9.83 -24.13 -11.42
C ALA C 89 11.06 -24.89 -11.45
N TYR C 90 11.23 -25.98 -10.72
CA TYR C 90 12.51 -26.69 -10.73
C TYR C 90 12.55 -27.81 -11.70
N ALA C 91 13.50 -28.73 -11.56
CA ALA C 91 13.64 -29.93 -12.39
C ALA C 91 14.74 -30.77 -11.78
N ASP C 92 14.80 -32.03 -12.21
CA ASP C 92 15.79 -32.95 -11.67
C ASP C 92 15.90 -34.14 -12.60
N VAL C 93 17.14 -34.56 -12.85
CA VAL C 93 17.44 -35.76 -13.62
C VAL C 93 18.60 -36.45 -12.92
N THR C 94 18.42 -37.71 -12.54
CA THR C 94 19.50 -38.49 -11.96
C THR C 94 19.67 -39.78 -12.73
N PHE C 95 20.92 -40.20 -12.94
CA PHE C 95 21.24 -41.46 -13.58
C PHE C 95 21.99 -42.32 -12.59
N SER C 96 21.92 -43.63 -12.77
CA SER C 96 22.51 -44.55 -11.79
C SER C 96 23.21 -45.72 -12.47
N PHE C 97 24.08 -45.44 -13.42
CA PHE C 97 24.79 -46.49 -14.14
C PHE C 97 25.71 -47.27 -13.23
N THR C 98 25.83 -48.56 -13.49
CA THR C 98 26.66 -49.43 -12.67
C THR C 98 28.09 -49.44 -13.20
N GLN C 99 28.91 -50.33 -12.65
CA GLN C 99 30.36 -50.25 -12.87
C GLN C 99 30.76 -50.85 -14.22
N TYR C 100 30.24 -52.02 -14.56
CA TYR C 100 30.67 -52.73 -15.76
C TYR C 100 29.84 -52.39 -16.99
N SER C 101 29.11 -51.29 -16.96
CA SER C 101 28.25 -50.93 -18.09
C SER C 101 29.09 -50.40 -19.23
N THR C 102 28.71 -50.78 -20.45
CA THR C 102 29.38 -50.28 -21.64
C THR C 102 28.82 -48.92 -22.01
N ASP C 103 29.22 -48.38 -23.15
CA ASP C 103 28.81 -47.03 -23.50
C ASP C 103 27.58 -46.99 -24.40
N GLU C 104 27.26 -48.09 -25.10
CA GLU C 104 26.05 -48.11 -25.90
C GLU C 104 24.80 -48.03 -25.03
N GLU C 105 24.82 -48.71 -23.89
CA GLU C 105 23.72 -48.65 -22.94
C GLU C 105 23.56 -47.24 -22.37
N ARG C 106 24.69 -46.61 -22.03
CA ARG C 106 24.63 -45.27 -21.47
C ARG C 106 24.18 -44.25 -22.49
N ALA C 107 24.48 -44.47 -23.76
CA ALA C 107 23.94 -43.57 -24.78
C ALA C 107 22.48 -43.88 -25.07
N PHE C 108 22.08 -45.13 -24.92
CA PHE C 108 20.72 -45.54 -25.25
C PHE C 108 19.72 -44.96 -24.26
N VAL C 109 20.10 -44.89 -22.98
CA VAL C 109 19.21 -44.32 -21.96
C VAL C 109 18.99 -42.84 -22.22
N ARG C 110 20.08 -42.10 -22.51
CA ARG C 110 19.98 -40.69 -22.81
C ARG C 110 19.17 -40.42 -24.07
N THR C 111 19.36 -41.26 -25.09
CA THR C 111 18.64 -41.08 -26.34
C THR C 111 17.15 -41.31 -26.17
N GLU C 112 16.76 -42.37 -25.42
CA GLU C 112 15.33 -42.60 -25.28
C GLU C 112 14.69 -41.60 -24.33
N LEU C 113 15.45 -41.02 -23.40
CA LEU C 113 14.86 -39.98 -22.57
C LEU C 113 14.63 -38.70 -23.38
N ALA C 114 15.61 -38.34 -24.21
CA ALA C 114 15.46 -37.15 -25.04
C ALA C 114 14.39 -37.33 -26.11
N ALA C 115 14.14 -38.57 -26.53
CA ALA C 115 13.05 -38.79 -27.47
C ALA C 115 11.70 -38.85 -26.77
N LEU C 116 11.65 -39.37 -25.54
CA LEU C 116 10.39 -39.53 -24.85
C LEU C 116 9.91 -38.23 -24.24
N LEU C 117 10.78 -37.24 -24.09
CA LEU C 117 10.30 -35.93 -23.67
C LEU C 117 9.64 -35.11 -24.78
N ALA C 118 9.32 -35.73 -25.93
CA ALA C 118 8.60 -35.04 -26.99
C ALA C 118 7.44 -35.87 -27.54
N SER C 119 7.12 -36.99 -26.89
CA SER C 119 5.98 -37.79 -27.28
C SER C 119 4.69 -37.06 -26.93
N PRO C 120 3.57 -37.34 -27.62
CA PRO C 120 2.34 -36.62 -27.33
C PRO C 120 1.76 -36.92 -25.95
N LEU C 121 2.00 -38.12 -25.42
CA LEU C 121 1.54 -38.44 -24.08
C LEU C 121 2.24 -37.58 -23.04
N LEU C 122 3.52 -37.33 -23.20
CA LEU C 122 4.27 -36.66 -22.16
C LEU C 122 3.99 -35.15 -22.18
N ILE C 123 3.84 -34.56 -23.36
CA ILE C 123 3.46 -33.15 -23.40
C ILE C 123 1.99 -32.97 -23.08
N ASP C 124 1.17 -34.01 -23.24
CA ASP C 124 -0.17 -33.94 -22.68
C ASP C 124 -0.12 -33.98 -21.16
N ALA C 125 0.85 -34.69 -20.60
CA ALA C 125 0.95 -34.78 -19.14
C ALA C 125 1.48 -33.50 -18.52
N ILE C 126 2.55 -32.92 -19.08
CA ILE C 126 3.15 -31.77 -18.41
C ILE C 126 2.39 -30.49 -18.73
N ASP C 127 2.19 -30.18 -20.01
CA ASP C 127 1.67 -28.87 -20.37
C ASP C 127 0.21 -28.67 -20.01
N GLN C 128 -0.54 -29.74 -19.72
CA GLN C 128 -1.93 -29.61 -19.35
C GLN C 128 -2.25 -30.11 -17.95
N LEU C 129 -1.27 -30.74 -17.27
CA LEU C 129 -1.43 -31.35 -15.95
C LEU C 129 -2.53 -32.42 -15.92
N ASN C 130 -2.78 -33.07 -17.04
CA ASN C 130 -3.72 -34.17 -17.02
C ASN C 130 -3.00 -35.45 -16.64
N PRO C 131 -3.53 -36.24 -15.72
CA PRO C 131 -2.93 -37.54 -15.44
C PRO C 131 -3.13 -38.49 -16.61
N ALA C 132 -2.20 -39.41 -16.75
CA ALA C 132 -2.23 -40.36 -17.86
C ALA C 132 -3.36 -41.36 -17.63
N TYR C 133 -4.43 -41.21 -18.40
CA TYR C 133 -5.57 -42.12 -18.29
C TYR C 133 -6.25 -42.29 -19.63
N ALA D 2 45.10 12.91 12.26
CA ALA D 2 45.62 14.27 12.22
C ALA D 2 44.55 15.26 12.67
N LYS D 3 43.70 15.64 11.72
CA LYS D 3 42.61 16.56 12.00
C LYS D 3 41.51 16.34 10.98
N LEU D 4 40.27 16.28 11.45
CA LEU D 4 39.15 16.06 10.55
C LEU D 4 38.92 17.28 9.67
N GLU D 5 38.46 17.01 8.45
CA GLU D 5 38.14 18.05 7.48
C GLU D 5 37.19 17.45 6.46
N THR D 6 36.73 18.28 5.52
CA THR D 6 35.84 17.79 4.49
C THR D 6 36.62 16.97 3.47
N VAL D 7 36.62 15.65 3.64
CA VAL D 7 37.32 14.77 2.73
C VAL D 7 36.55 14.71 1.42
N THR D 8 37.20 15.13 0.34
CA THR D 8 36.61 15.05 -0.99
C THR D 8 37.19 13.86 -1.74
N LEU D 9 36.42 13.38 -2.71
CA LEU D 9 36.79 12.18 -3.45
C LEU D 9 36.43 12.37 -4.92
N GLY D 10 37.27 11.85 -5.80
CA GLY D 10 37.06 11.98 -7.21
C GLY D 10 37.29 10.66 -7.92
N ASN D 11 36.65 10.52 -9.08
CA ASN D 11 36.77 9.38 -10.00
C ASN D 11 36.38 8.07 -9.31
N ILE D 12 35.12 7.99 -8.93
CA ILE D 12 34.57 6.84 -8.24
C ILE D 12 33.36 6.34 -9.02
N GLY D 13 33.35 5.06 -9.32
CA GLY D 13 32.21 4.45 -9.98
C GLY D 13 32.68 3.34 -10.90
N LYS D 14 31.72 2.81 -11.66
CA LYS D 14 32.07 1.82 -12.67
C LYS D 14 32.87 2.47 -13.79
N ASP D 15 32.53 3.70 -14.15
CA ASP D 15 33.29 4.46 -15.13
C ASP D 15 34.40 5.29 -14.51
N GLY D 16 34.22 5.74 -13.27
CA GLY D 16 35.20 6.59 -12.62
C GLY D 16 34.99 8.05 -12.93
N LYS D 17 33.74 8.51 -12.87
CA LYS D 17 33.42 9.89 -13.21
C LYS D 17 32.64 10.58 -12.11
N GLN D 18 31.93 9.80 -11.30
CA GLN D 18 31.17 10.39 -10.20
C GLN D 18 32.10 10.82 -9.09
N THR D 19 31.63 11.77 -8.28
CA THR D 19 32.36 12.24 -7.12
C THR D 19 31.54 12.05 -5.87
N LEU D 20 32.16 12.35 -4.73
CA LEU D 20 31.51 12.19 -3.43
C LEU D 20 32.23 13.08 -2.44
N VAL D 21 31.47 13.83 -1.65
CA VAL D 21 32.04 14.72 -0.65
C VAL D 21 31.51 14.29 0.71
N LEU D 22 32.34 14.44 1.74
CA LEU D 22 32.00 14.01 3.09
C LEU D 22 32.23 15.16 4.06
N ASN D 23 31.54 15.09 5.19
CA ASN D 23 31.65 16.12 6.21
C ASN D 23 31.96 15.49 7.55
N PRO D 24 32.78 16.13 8.38
CA PRO D 24 33.08 15.56 9.70
C PRO D 24 31.91 15.73 10.65
N ARG D 25 31.70 14.71 11.48
CA ARG D 25 30.64 14.71 12.48
C ARG D 25 31.17 14.22 13.82
N GLY D 26 32.30 14.77 14.23
CA GLY D 26 32.74 14.65 15.61
C GLY D 26 33.33 13.30 15.94
N VAL D 27 33.98 13.25 17.10
CA VAL D 27 34.66 12.05 17.59
C VAL D 27 33.91 11.56 18.80
N ASN D 28 33.44 10.32 18.76
CA ASN D 28 32.80 9.70 19.90
C ASN D 28 33.86 9.41 20.95
N PRO D 29 33.80 10.01 22.13
CA PRO D 29 34.84 9.79 23.14
C PRO D 29 34.68 8.49 23.91
N THR D 30 33.59 7.76 23.68
CA THR D 30 33.40 6.49 24.38
C THR D 30 34.37 5.43 23.90
N ASN D 31 34.56 5.34 22.57
CA ASN D 31 35.46 4.32 22.05
C ASN D 31 36.34 4.83 20.92
N GLY D 32 36.61 6.13 20.85
CA GLY D 32 37.60 6.67 19.94
C GLY D 32 37.26 6.60 18.47
N VAL D 33 36.00 6.34 18.13
CA VAL D 33 35.60 6.09 16.75
C VAL D 33 35.25 7.43 16.11
N ALA D 34 36.06 7.88 15.17
CA ALA D 34 35.71 9.06 14.40
C ALA D 34 34.62 8.72 13.39
N SER D 35 34.08 9.75 12.75
CA SER D 35 32.99 9.53 11.81
C SER D 35 33.03 10.59 10.72
N LEU D 36 32.58 10.18 9.54
CA LEU D 36 32.34 11.08 8.43
C LEU D 36 30.97 10.75 7.87
N SER D 37 30.40 11.67 7.10
CA SER D 37 29.07 11.44 6.59
C SER D 37 28.83 12.28 5.35
N GLN D 38 27.88 11.82 4.54
CA GLN D 38 27.39 12.57 3.41
C GLN D 38 26.30 13.51 3.88
N ALA D 39 26.27 14.72 3.33
CA ALA D 39 25.35 15.76 3.77
C ALA D 39 23.94 15.44 3.29
N GLY D 40 23.26 14.57 4.03
CA GLY D 40 21.89 14.22 3.75
C GLY D 40 20.94 14.86 4.76
N ALA D 41 19.64 14.63 4.53
CA ALA D 41 18.60 15.16 5.40
C ALA D 41 18.16 14.16 6.46
N VAL D 42 17.63 13.03 6.04
CA VAL D 42 17.14 12.02 6.98
C VAL D 42 18.33 11.21 7.50
N PRO D 43 18.51 11.06 8.80
CA PRO D 43 19.72 10.42 9.33
C PRO D 43 19.78 8.90 9.18
N ALA D 44 18.90 8.28 8.40
CA ALA D 44 19.04 6.86 8.09
C ALA D 44 19.13 6.61 6.59
N LEU D 45 19.39 7.65 5.80
CA LEU D 45 19.51 7.52 4.36
C LEU D 45 20.79 8.16 3.85
N GLU D 46 21.87 8.04 4.61
CA GLU D 46 23.11 8.71 4.26
C GLU D 46 24.29 7.76 4.43
N LYS D 47 25.30 7.95 3.60
CA LYS D 47 26.49 7.14 3.62
C LYS D 47 27.40 7.60 4.74
N ARG D 48 28.13 6.65 5.33
CA ARG D 48 29.00 7.03 6.44
C ARG D 48 30.23 6.15 6.48
N VAL D 49 31.30 6.71 7.03
CA VAL D 49 32.61 6.08 7.09
C VAL D 49 33.17 6.29 8.49
N THR D 50 33.62 5.21 9.13
CA THR D 50 34.24 5.32 10.44
C THR D 50 35.69 4.88 10.38
N VAL D 51 36.46 5.28 11.38
CA VAL D 51 37.87 4.94 11.48
C VAL D 51 38.28 5.08 12.94
N SER D 52 39.02 4.11 13.45
CA SER D 52 39.32 4.09 14.88
C SER D 52 40.61 3.33 15.12
N VAL D 53 41.68 4.05 15.46
CA VAL D 53 42.89 3.39 15.91
C VAL D 53 42.68 2.88 17.33
N SER D 54 43.53 1.94 17.76
CA SER D 54 43.44 1.39 19.10
C SER D 54 44.84 1.23 19.66
N GLN D 55 44.91 0.92 20.92
CA GLN D 55 46.21 0.86 21.57
C GLN D 55 46.39 -0.46 22.30
N PRO D 56 47.63 -0.94 22.50
CA PRO D 56 47.81 -2.20 23.21
C PRO D 56 47.55 -2.08 24.69
N SER D 57 46.65 -2.92 25.20
CA SER D 57 46.41 -3.03 26.62
C SER D 57 47.30 -4.13 27.19
N ARG D 58 47.01 -4.56 28.42
CA ARG D 58 47.69 -5.70 29.00
C ARG D 58 47.14 -7.04 28.51
N ASN D 59 46.16 -7.03 27.62
CA ASN D 59 45.53 -8.24 27.11
C ASN D 59 45.82 -8.50 25.64
N ARG D 60 45.85 -7.47 24.82
CA ARG D 60 45.85 -7.61 23.37
C ARG D 60 47.22 -7.48 22.74
N LYS D 61 48.03 -6.50 23.18
CA LYS D 61 49.45 -6.36 22.89
C LYS D 61 49.73 -6.06 21.41
N ASN D 62 48.73 -5.61 20.66
CA ASN D 62 48.92 -5.28 19.25
C ASN D 62 48.05 -4.09 18.88
N TYR D 63 48.59 -3.21 18.02
CA TYR D 63 47.78 -2.15 17.46
C TYR D 63 46.74 -2.71 16.51
N LYS D 64 45.68 -1.95 16.27
CA LYS D 64 44.57 -2.45 15.47
C LYS D 64 43.83 -1.26 14.87
N VAL D 65 44.08 -0.99 13.63
CA VAL D 65 43.36 0.05 12.89
C VAL D 65 42.16 -0.60 12.23
N GLN D 66 41.01 0.06 12.24
CA GLN D 66 39.80 -0.55 11.72
C GLN D 66 38.92 0.48 11.04
N VAL D 67 38.47 0.17 9.83
CA VAL D 67 37.71 1.08 8.99
C VAL D 67 36.42 0.39 8.55
N LYS D 68 35.29 1.04 8.72
CA LYS D 68 34.00 0.50 8.31
C LYS D 68 33.30 1.45 7.35
N ILE D 69 32.61 0.89 6.37
CA ILE D 69 31.86 1.65 5.37
C ILE D 69 30.51 0.97 5.20
N GLN D 70 29.43 1.75 5.20
CA GLN D 70 28.14 1.20 4.81
C GLN D 70 27.44 2.16 3.86
N ASN D 71 26.60 1.61 2.99
CA ASN D 71 25.89 2.38 1.98
C ASN D 71 24.45 1.90 1.89
N PRO D 72 23.52 2.55 2.57
CA PRO D 72 22.11 2.19 2.43
C PRO D 72 21.55 2.68 1.10
N THR D 73 20.51 1.75 0.57
CA THR D 73 19.83 2.30 -0.60
C THR D 73 18.35 2.41 -0.56
N ALA D 74 17.86 3.63 -0.50
CA ALA D 74 16.47 3.98 -0.38
C ALA D 74 15.60 3.73 -1.53
N CYS D 75 14.35 3.46 -1.22
CA CYS D 75 13.33 3.25 -2.21
C CYS D 75 12.33 4.29 -1.87
N THR D 76 11.88 5.03 -2.85
CA THR D 76 10.93 6.07 -2.58
C THR D 76 9.65 5.73 -3.24
N ALA D 77 9.36 4.48 -3.37
CA ALA D 77 8.14 4.10 -4.02
C ALA D 77 6.92 4.54 -3.36
N ASN D 78 6.93 4.51 -2.05
CA ASN D 78 5.77 4.84 -1.31
C ASN D 78 5.48 6.29 -1.07
N GLY D 79 6.32 7.17 -1.56
CA GLY D 79 6.10 8.59 -1.38
C GLY D 79 7.33 9.21 -0.79
N SER D 80 7.69 10.38 -1.24
CA SER D 80 8.88 11.01 -0.76
C SER D 80 8.89 11.29 0.69
N CYS D 81 7.76 11.67 1.26
CA CYS D 81 7.78 11.99 2.66
C CYS D 81 8.20 10.81 3.52
N ASP D 82 7.84 9.60 3.07
CA ASP D 82 8.19 8.40 3.83
C ASP D 82 8.78 7.27 3.05
N PRO D 83 10.11 7.31 2.88
CA PRO D 83 10.87 6.29 2.16
C PRO D 83 11.42 5.25 3.13
N SER D 84 11.44 3.99 2.71
CA SER D 84 11.93 2.91 3.56
C SER D 84 13.17 2.24 2.97
N VAL D 85 14.21 2.09 3.78
CA VAL D 85 15.45 1.45 3.34
C VAL D 85 15.19 0.00 3.00
N THR D 86 15.42 -0.37 1.75
CA THR D 86 15.20 -1.72 1.30
C THR D 86 16.28 -2.69 1.67
N ARG D 87 17.54 -2.33 1.48
CA ARG D 87 18.64 -3.24 1.79
C ARG D 87 19.96 -2.53 1.96
N GLN D 88 20.94 -3.14 2.60
CA GLN D 88 22.24 -2.51 2.87
C GLN D 88 23.46 -3.18 2.25
N ALA D 89 24.65 -2.59 2.36
CA ALA D 89 25.86 -3.20 1.82
C ALA D 89 27.18 -2.87 2.51
N TYR D 90 27.62 -3.55 3.53
CA TYR D 90 28.84 -3.18 4.26
C TYR D 90 30.23 -3.32 3.74
N ALA D 91 31.22 -3.06 4.58
CA ALA D 91 32.63 -3.24 4.26
C ALA D 91 33.39 -3.28 5.57
N ASP D 92 34.63 -3.75 5.50
CA ASP D 92 35.45 -3.87 6.70
C ASP D 92 36.90 -4.01 6.28
N VAL D 93 37.78 -3.29 6.99
CA VAL D 93 39.23 -3.40 6.82
C VAL D 93 39.83 -3.35 8.20
N THR D 94 40.61 -4.36 8.58
CA THR D 94 41.32 -4.36 9.85
C THR D 94 42.80 -4.60 9.60
N PHE D 95 43.64 -3.90 10.35
CA PHE D 95 45.08 -4.07 10.29
C PHE D 95 45.56 -4.55 11.66
N SER D 96 46.68 -5.26 11.69
CA SER D 96 47.15 -5.83 12.94
C SER D 96 48.65 -5.70 13.10
N PHE D 97 49.18 -4.49 12.94
CA PHE D 97 50.62 -4.27 13.04
C PHE D 97 51.11 -4.53 14.45
N THR D 98 52.33 -5.05 14.55
CA THR D 98 52.91 -5.38 15.84
C THR D 98 53.66 -4.18 16.39
N GLN D 99 54.39 -4.39 17.49
CA GLN D 99 54.92 -3.27 18.27
C GLN D 99 56.18 -2.68 17.66
N TYR D 100 57.13 -3.54 17.25
CA TYR D 100 58.42 -3.07 16.77
C TYR D 100 58.45 -2.84 15.27
N SER D 101 57.31 -2.74 14.61
CA SER D 101 57.28 -2.56 13.18
C SER D 101 57.68 -1.15 12.80
N THR D 102 58.45 -1.04 11.72
CA THR D 102 58.85 0.26 11.21
C THR D 102 57.73 0.84 10.34
N ASP D 103 57.98 1.96 9.70
CA ASP D 103 56.93 2.62 8.93
C ASP D 103 56.91 2.24 7.47
N GLU D 104 58.02 1.74 6.92
CA GLU D 104 58.03 1.30 5.52
C GLU D 104 57.12 0.09 5.33
N GLU D 105 57.14 -0.83 6.29
CA GLU D 105 56.25 -1.99 6.25
C GLU D 105 54.78 -1.57 6.33
N ARG D 106 54.48 -0.62 7.22
CA ARG D 106 53.12 -0.17 7.38
C ARG D 106 52.62 0.59 6.16
N ALA D 107 53.52 1.28 5.47
CA ALA D 107 53.11 1.92 4.22
C ALA D 107 53.00 0.90 3.09
N PHE D 108 53.82 -0.15 3.14
CA PHE D 108 53.84 -1.13 2.06
C PHE D 108 52.56 -1.95 2.04
N VAL D 109 52.02 -2.27 3.22
CA VAL D 109 50.77 -3.03 3.28
C VAL D 109 49.61 -2.22 2.71
N ARG D 110 49.53 -0.94 3.09
CA ARG D 110 48.49 -0.05 2.58
C ARG D 110 48.62 0.15 1.07
N THR D 111 49.86 0.29 0.59
CA THR D 111 50.08 0.51 -0.83
C THR D 111 49.68 -0.71 -1.65
N GLU D 112 50.04 -1.91 -1.20
CA GLU D 112 49.68 -3.07 -2.01
C GLU D 112 48.21 -3.40 -1.89
N LEU D 113 47.54 -3.00 -0.81
CA LEU D 113 46.10 -3.21 -0.75
C LEU D 113 45.38 -2.26 -1.70
N ALA D 114 45.81 -0.99 -1.73
CA ALA D 114 45.19 -0.03 -2.63
C ALA D 114 45.50 -0.34 -4.09
N ALA D 115 46.62 -1.00 -4.36
CA ALA D 115 46.90 -1.41 -5.73
C ALA D 115 46.16 -2.68 -6.10
N LEU D 116 45.97 -3.59 -5.14
CA LEU D 116 45.33 -4.86 -5.45
C LEU D 116 43.82 -4.75 -5.53
N LEU D 117 43.23 -3.68 -5.01
CA LEU D 117 41.81 -3.47 -5.23
C LEU D 117 41.47 -2.91 -6.62
N ALA D 118 42.41 -2.91 -7.57
CA ALA D 118 42.13 -2.51 -8.94
C ALA D 118 42.68 -3.49 -9.96
N SER D 119 43.17 -4.64 -9.53
CA SER D 119 43.63 -5.68 -10.43
C SER D 119 42.43 -6.29 -11.15
N PRO D 120 42.62 -6.86 -12.34
CA PRO D 120 41.47 -7.44 -13.06
C PRO D 120 40.86 -8.66 -12.39
N LEU D 121 41.66 -9.43 -11.65
CA LEU D 121 41.11 -10.56 -10.92
C LEU D 121 40.15 -10.11 -9.83
N LEU D 122 40.47 -9.02 -9.15
CA LEU D 122 39.65 -8.65 -8.01
C LEU D 122 38.36 -7.97 -8.44
N ILE D 123 38.39 -7.17 -9.51
CA ILE D 123 37.14 -6.61 -10.01
C ILE D 123 36.35 -7.65 -10.78
N ASP D 124 36.99 -8.71 -11.27
CA ASP D 124 36.22 -9.85 -11.76
C ASP D 124 35.53 -10.56 -10.61
N ALA D 125 36.16 -10.58 -9.43
CA ALA D 125 35.57 -11.27 -8.29
C ALA D 125 34.41 -10.48 -7.69
N ILE D 126 34.56 -9.18 -7.49
CA ILE D 126 33.51 -8.44 -6.79
C ILE D 126 32.38 -8.06 -7.73
N ASP D 127 32.68 -7.42 -8.85
CA ASP D 127 31.63 -6.85 -9.69
C ASP D 127 30.80 -7.90 -10.42
N GLN D 128 31.27 -9.13 -10.51
CA GLN D 128 30.52 -10.17 -11.19
C GLN D 128 30.15 -11.34 -10.29
N LEU D 129 30.65 -11.38 -9.05
CA LEU D 129 30.46 -12.46 -8.08
C LEU D 129 30.94 -13.81 -8.62
N ASN D 130 31.92 -13.80 -9.49
CA ASN D 130 32.49 -15.07 -9.92
C ASN D 130 33.58 -15.49 -8.96
N PRO D 131 33.59 -16.74 -8.51
CA PRO D 131 34.72 -17.20 -7.69
C PRO D 131 35.97 -17.31 -8.52
N ALA D 132 37.11 -17.14 -7.86
CA ALA D 132 38.40 -17.17 -8.54
C ALA D 132 38.71 -18.59 -8.96
N TYR D 133 38.62 -18.87 -10.25
CA TYR D 133 38.92 -20.19 -10.77
C TYR D 133 39.47 -20.10 -12.17
N ALA E 2 -3.93 30.00 35.66
CA ALA E 2 -4.84 31.13 35.75
C ALA E 2 -6.19 30.75 35.19
N LYS E 3 -6.32 30.85 33.87
CA LYS E 3 -7.56 30.49 33.19
C LYS E 3 -7.23 30.12 31.76
N LEU E 4 -7.81 29.03 31.28
CA LEU E 4 -7.56 28.58 29.92
C LEU E 4 -8.18 29.54 28.91
N GLU E 5 -7.51 29.66 27.77
CA GLU E 5 -7.98 30.50 26.66
C GLU E 5 -7.30 30.01 25.40
N THR E 6 -7.66 30.62 24.27
CA THR E 6 -7.03 30.24 23.01
C THR E 6 -5.62 30.79 22.94
N VAL E 7 -4.64 29.96 23.30
CA VAL E 7 -3.24 30.39 23.26
C VAL E 7 -2.80 30.46 21.80
N THR E 8 -2.41 31.66 21.37
CA THR E 8 -1.88 31.85 20.04
C THR E 8 -0.36 31.92 20.09
N LEU E 9 0.26 31.61 18.95
CA LEU E 9 1.71 31.54 18.87
C LEU E 9 2.17 32.11 17.54
N GLY E 10 3.29 32.80 17.56
CA GLY E 10 3.82 33.41 16.35
C GLY E 10 5.30 33.17 16.22
N ASN E 11 5.78 33.22 14.98
CA ASN E 11 7.19 33.10 14.60
C ASN E 11 7.79 31.77 15.07
N ILE E 12 7.25 30.69 14.52
CA ILE E 12 7.67 29.33 14.85
C ILE E 12 8.06 28.62 13.58
N GLY E 13 9.24 28.04 13.57
CA GLY E 13 9.69 27.25 12.45
C GLY E 13 11.19 27.37 12.29
N LYS E 14 11.68 26.81 11.20
CA LYS E 14 13.10 26.96 10.87
C LYS E 14 13.38 28.40 10.47
N ASP E 15 12.46 29.04 9.77
CA ASP E 15 12.57 30.45 9.43
C ASP E 15 11.95 31.37 10.48
N GLY E 16 10.92 30.90 11.17
CA GLY E 16 10.23 31.72 12.14
C GLY E 16 9.14 32.56 11.52
N LYS E 17 8.32 31.95 10.66
CA LYS E 17 7.28 32.68 9.95
C LYS E 17 5.92 32.00 10.11
N GLN E 18 5.92 30.71 10.37
CA GLN E 18 4.67 29.99 10.54
C GLN E 18 4.06 30.32 11.90
N THR E 19 2.75 30.15 12.01
CA THR E 19 2.05 30.36 13.25
C THR E 19 1.30 29.09 13.65
N LEU E 20 0.70 29.13 14.84
CA LEU E 20 -0.02 27.99 15.38
C LEU E 20 -0.99 28.50 16.42
N VAL E 21 -2.22 28.03 16.35
CA VAL E 21 -3.25 28.43 17.30
C VAL E 21 -3.75 27.18 18.00
N LEU E 22 -4.10 27.33 19.28
CA LEU E 22 -4.54 26.21 20.10
C LEU E 22 -5.86 26.54 20.77
N ASN E 23 -6.60 25.48 21.13
CA ASN E 23 -7.89 25.65 21.77
C ASN E 23 -7.95 24.86 23.06
N PRO E 24 -8.60 25.37 24.09
CA PRO E 24 -8.69 24.62 25.35
C PRO E 24 -9.67 23.48 25.24
N ARG E 25 -9.33 22.36 25.87
CA ARG E 25 -10.17 21.17 25.90
C ARG E 25 -10.26 20.61 27.30
N GLY E 26 -10.55 21.48 28.26
CA GLY E 26 -10.98 21.04 29.57
C GLY E 26 -9.86 20.52 30.45
N VAL E 27 -10.18 20.37 31.73
CA VAL E 27 -9.25 19.93 32.74
C VAL E 27 -9.69 18.55 33.21
N ASN E 28 -8.81 17.57 33.07
CA ASN E 28 -9.08 16.24 33.60
C ASN E 28 -9.01 16.28 35.12
N PRO E 29 -10.11 16.02 35.82
CA PRO E 29 -10.09 16.11 37.29
C PRO E 29 -9.47 14.90 37.96
N THR E 30 -9.12 13.86 37.21
CA THR E 30 -8.50 12.68 37.81
C THR E 30 -7.09 12.98 38.29
N ASN E 31 -6.30 13.68 37.48
CA ASN E 31 -4.92 13.96 37.87
C ASN E 31 -4.50 15.39 37.55
N GLY E 32 -5.42 16.33 37.46
CA GLY E 32 -5.09 17.74 37.35
C GLY E 32 -4.43 18.18 36.06
N VAL E 33 -4.45 17.34 35.04
CA VAL E 33 -3.71 17.60 33.81
C VAL E 33 -4.59 18.42 32.87
N ALA E 34 -4.22 19.68 32.65
CA ALA E 34 -4.92 20.48 31.65
C ALA E 34 -4.49 20.04 30.25
N SER E 35 -5.19 20.57 29.25
CA SER E 35 -4.90 20.16 27.89
C SER E 35 -5.19 21.30 26.93
N LEU E 36 -4.43 21.34 25.85
CA LEU E 36 -4.69 22.22 24.73
C LEU E 36 -4.59 21.37 23.47
N SER E 37 -5.14 21.89 22.36
CA SER E 37 -5.13 21.10 21.14
C SER E 37 -5.27 22.01 19.94
N GLN E 38 -4.81 21.49 18.81
CA GLN E 38 -5.02 22.14 17.53
C GLN E 38 -6.37 21.70 16.98
N ALA E 39 -7.09 22.63 16.35
CA ALA E 39 -8.45 22.38 15.88
C ALA E 39 -8.40 21.49 14.64
N GLY E 40 -8.28 20.18 14.88
CA GLY E 40 -8.31 19.20 13.82
C GLY E 40 -9.62 18.44 13.81
N ALA E 41 -9.74 17.55 12.83
CA ALA E 41 -10.94 16.72 12.67
C ALA E 41 -10.79 15.36 13.32
N VAL E 42 -9.84 14.57 12.86
CA VAL E 42 -9.66 13.21 13.39
C VAL E 42 -8.87 13.32 14.70
N PRO E 43 -9.33 12.71 15.79
CA PRO E 43 -8.68 12.93 17.10
C PRO E 43 -7.37 12.18 17.29
N ALA E 44 -6.76 11.62 16.26
CA ALA E 44 -5.42 11.06 16.37
C ALA E 44 -4.45 11.69 15.39
N LEU E 45 -4.81 12.84 14.80
CA LEU E 45 -3.96 13.54 13.86
C LEU E 45 -3.82 15.01 14.24
N GLU E 46 -3.75 15.30 15.53
CA GLU E 46 -3.70 16.68 15.98
C GLU E 46 -2.65 16.85 17.06
N LYS E 47 -2.06 18.04 17.08
CA LYS E 47 -1.02 18.38 18.03
C LYS E 47 -1.66 18.70 19.38
N ARG E 48 -0.96 18.38 20.46
CA ARG E 48 -1.53 18.64 21.77
C ARG E 48 -0.43 18.96 22.77
N VAL E 49 -0.80 19.73 23.79
CA VAL E 49 0.10 20.23 24.81
C VAL E 49 -0.57 20.05 26.17
N THR E 50 0.12 19.44 27.11
CA THR E 50 -0.41 19.28 28.47
C THR E 50 0.45 20.04 29.46
N VAL E 51 -0.13 20.32 30.63
CA VAL E 51 0.56 21.02 31.70
C VAL E 51 -0.15 20.68 33.00
N SER E 52 0.63 20.38 34.05
CA SER E 52 0.03 19.89 35.28
C SER E 52 0.95 20.20 36.45
N VAL E 53 0.55 21.17 37.28
CA VAL E 53 1.25 21.40 38.53
C VAL E 53 0.90 20.27 39.50
N SER E 54 1.71 20.12 40.55
CA SER E 54 1.47 19.11 41.56
C SER E 54 1.76 19.68 42.93
N GLN E 55 1.44 18.96 43.94
CA GLN E 55 1.59 19.49 45.28
C GLN E 55 2.35 18.51 46.17
N PRO E 56 3.03 18.98 47.22
CA PRO E 56 3.77 18.05 48.08
C PRO E 56 2.85 17.23 48.96
N SER E 57 3.00 15.92 48.88
CA SER E 57 2.30 15.00 49.76
C SER E 57 3.20 14.70 50.96
N ARG E 58 2.85 13.68 51.73
CA ARG E 58 3.70 13.21 52.82
C ARG E 58 4.84 12.33 52.33
N ASN E 59 4.96 12.10 51.03
CA ASN E 59 5.97 11.24 50.46
C ASN E 59 7.01 11.99 49.63
N ARG E 60 6.58 13.00 48.87
CA ARG E 60 7.42 13.60 47.84
C ARG E 60 8.07 14.91 48.27
N LYS E 61 7.32 15.79 48.95
CA LYS E 61 7.81 16.97 49.67
C LYS E 61 8.38 18.04 48.73
N ASN E 62 8.08 17.98 47.44
CA ASN E 62 8.56 18.97 46.48
C ASN E 62 7.50 19.23 45.42
N TYR E 63 7.38 20.49 45.01
CA TYR E 63 6.54 20.82 43.88
C TYR E 63 7.13 20.26 42.60
N LYS E 64 6.28 20.09 41.59
CA LYS E 64 6.73 19.45 40.35
C LYS E 64 5.82 19.91 39.21
N VAL E 65 6.29 20.83 38.42
CA VAL E 65 5.60 21.28 37.24
C VAL E 65 6.06 20.43 36.07
N GLN E 66 5.13 20.03 35.20
CA GLN E 66 5.49 19.11 34.12
C GLN E 66 4.71 19.42 32.86
N VAL E 67 5.42 19.53 31.74
CA VAL E 67 4.85 19.94 30.45
C VAL E 67 5.21 18.89 29.41
N LYS E 68 4.23 18.41 28.67
CA LYS E 68 4.45 17.44 27.61
C LYS E 68 3.93 17.96 26.28
N ILE E 69 4.65 17.66 25.20
CA ILE E 69 4.28 18.06 23.84
C ILE E 69 4.47 16.85 22.94
N GLN E 70 3.49 16.56 22.08
CA GLN E 70 3.71 15.57 21.04
C GLN E 70 3.18 16.10 19.72
N ASN E 71 3.79 15.64 18.62
CA ASN E 71 3.42 16.08 17.28
C ASN E 71 3.40 14.89 16.35
N PRO E 72 2.23 14.31 16.11
CA PRO E 72 2.14 13.22 15.13
C PRO E 72 2.22 13.75 13.72
N THR E 73 2.74 13.09 12.73
CA THR E 73 2.57 13.50 11.34
C THR E 73 2.04 12.44 10.42
N ALA E 74 0.86 12.64 9.88
CA ALA E 74 0.25 11.68 9.02
C ALA E 74 0.88 11.67 7.71
N CYS E 75 0.80 10.53 7.06
CA CYS E 75 1.37 10.26 5.75
C CYS E 75 0.87 8.91 5.33
N THR E 76 1.50 8.35 4.34
CA THR E 76 1.15 7.01 3.92
C THR E 76 -0.27 6.62 3.63
N ALA E 77 -0.92 7.37 2.76
CA ALA E 77 -2.26 7.02 2.45
C ALA E 77 -2.11 5.77 1.70
N ASN E 78 -2.76 4.72 2.13
CA ASN E 78 -2.67 3.50 1.35
C ASN E 78 -4.02 3.36 0.71
N GLY E 79 -4.05 3.02 -0.56
CA GLY E 79 -5.31 2.87 -1.25
C GLY E 79 -6.12 4.14 -1.21
N SER E 80 -7.42 4.06 -1.00
CA SER E 80 -8.20 5.26 -0.94
C SER E 80 -8.70 5.51 0.44
N CYS E 81 -8.26 4.75 1.39
CA CYS E 81 -8.68 5.02 2.75
C CYS E 81 -7.86 6.14 3.26
N ASP E 82 -8.32 6.89 4.22
CA ASP E 82 -7.53 8.04 4.66
C ASP E 82 -6.36 7.68 5.46
N PRO E 83 -5.46 8.61 5.65
CA PRO E 83 -4.14 8.71 6.23
C PRO E 83 -4.02 8.21 7.61
N SER E 84 -2.87 7.67 7.99
CA SER E 84 -2.66 7.14 9.33
C SER E 84 -1.33 7.59 9.88
N VAL E 85 -1.14 7.62 11.18
CA VAL E 85 0.10 8.09 11.77
C VAL E 85 1.25 7.12 11.60
N THR E 86 2.41 7.60 11.16
CA THR E 86 3.64 6.87 10.96
C THR E 86 4.72 7.20 11.98
N ARG E 87 4.82 8.45 12.42
CA ARG E 87 5.90 8.84 13.30
C ARG E 87 5.33 9.64 14.48
N GLN E 88 6.22 9.82 15.52
CA GLN E 88 5.92 10.65 16.68
C GLN E 88 7.10 11.57 16.92
N ALA E 89 6.89 12.57 17.77
CA ALA E 89 7.97 13.47 18.18
C ALA E 89 7.61 14.01 19.55
N TYR E 90 8.19 13.44 20.59
CA TYR E 90 7.78 13.77 21.93
C TYR E 90 8.60 14.93 22.47
N ALA E 91 8.27 15.37 23.68
CA ALA E 91 9.03 16.37 24.41
C ALA E 91 8.66 16.21 25.88
N ASP E 92 9.46 16.83 26.74
CA ASP E 92 9.24 16.74 28.17
C ASP E 92 10.02 17.83 28.86
N VAL E 93 9.39 18.49 29.82
CA VAL E 93 10.03 19.48 30.68
C VAL E 93 9.49 19.25 32.08
N THR E 94 10.39 19.02 33.05
CA THR E 94 9.98 18.90 34.44
C THR E 94 10.78 19.86 35.29
N PHE E 95 10.12 20.47 36.27
CA PHE E 95 10.75 21.36 37.22
C PHE E 95 10.62 20.76 38.61
N SER E 96 11.53 21.11 39.51
CA SER E 96 11.53 20.49 40.83
C SER E 96 11.84 21.50 41.92
N PHE E 97 11.12 22.62 41.93
CA PHE E 97 11.35 23.66 42.93
C PHE E 97 11.02 23.17 44.34
N THR E 98 11.80 23.65 45.30
CA THR E 98 11.62 23.23 46.68
C THR E 98 10.61 24.15 47.38
N GLN E 99 10.47 23.99 48.69
CA GLN E 99 9.36 24.60 49.41
C GLN E 99 9.60 26.08 49.71
N TYR E 100 10.80 26.43 50.18
CA TYR E 100 11.07 27.79 50.61
C TYR E 100 11.64 28.67 49.52
N SER E 101 11.50 28.26 48.25
CA SER E 101 12.07 29.04 47.16
C SER E 101 11.24 30.29 46.91
N THR E 102 11.93 31.38 46.62
CA THR E 102 11.25 32.63 46.29
C THR E 102 10.85 32.61 44.81
N ASP E 103 10.34 33.72 44.31
CA ASP E 103 9.85 33.75 42.94
C ASP E 103 10.88 34.24 41.93
N GLU E 104 11.91 34.97 42.36
CA GLU E 104 12.94 35.39 41.42
C GLU E 104 13.73 34.20 40.90
N GLU E 105 14.01 33.23 41.77
CA GLU E 105 14.67 32.00 41.35
C GLU E 105 13.83 31.21 40.36
N ARG E 106 12.52 31.11 40.64
CA ARG E 106 11.63 30.36 39.77
C ARG E 106 11.46 31.05 38.43
N ALA E 107 11.54 32.38 38.39
CA ALA E 107 11.51 33.05 37.10
C ALA E 107 12.85 32.95 36.39
N PHE E 108 13.93 32.89 37.16
CA PHE E 108 15.28 32.87 36.57
C PHE E 108 15.53 31.57 35.83
N VAL E 109 15.03 30.45 36.38
CA VAL E 109 15.21 29.15 35.73
C VAL E 109 14.47 29.11 34.41
N ARG E 110 13.22 29.58 34.41
CA ARG E 110 12.42 29.63 33.18
C ARG E 110 13.03 30.56 32.14
N THR E 111 13.55 31.71 32.59
CA THR E 111 14.15 32.66 31.66
C THR E 111 15.41 32.09 31.02
N GLU E 112 16.27 31.43 31.80
CA GLU E 112 17.49 30.93 31.18
C GLU E 112 17.23 29.71 30.34
N LEU E 113 16.15 28.96 30.61
CA LEU E 113 15.83 27.84 29.73
C LEU E 113 15.29 28.35 28.39
N ALA E 114 14.42 29.37 28.44
CA ALA E 114 13.90 29.93 27.21
C ALA E 114 14.96 30.66 26.40
N ALA E 115 15.99 31.18 27.08
CA ALA E 115 17.08 31.79 26.33
C ALA E 115 18.05 30.75 25.80
N LEU E 116 18.26 29.66 26.52
CA LEU E 116 19.23 28.66 26.10
C LEU E 116 18.69 27.75 25.02
N LEU E 117 17.37 27.70 24.82
CA LEU E 117 16.85 26.97 23.68
C LEU E 117 16.98 27.73 22.35
N ALA E 118 17.76 28.82 22.29
CA ALA E 118 18.01 29.51 21.03
C ALA E 118 19.48 29.81 20.83
N SER E 119 20.36 29.29 21.67
CA SER E 119 21.78 29.45 21.49
C SER E 119 22.25 28.63 20.29
N PRO E 120 23.37 29.01 19.65
CA PRO E 120 23.80 28.27 18.47
C PRO E 120 24.26 26.85 18.75
N LEU E 121 24.78 26.59 19.96
CA LEU E 121 25.16 25.24 20.34
C LEU E 121 23.95 24.32 20.40
N LEU E 122 22.83 24.82 20.92
CA LEU E 122 21.70 23.94 21.14
C LEU E 122 20.95 23.66 19.85
N ILE E 123 20.85 24.64 18.95
CA ILE E 123 20.24 24.35 17.65
C ILE E 123 21.20 23.60 16.76
N ASP E 124 22.50 23.68 17.01
CA ASP E 124 23.41 22.76 16.34
C ASP E 124 23.20 21.35 16.85
N ALA E 125 22.84 21.19 18.12
CA ALA E 125 22.64 19.86 18.67
C ALA E 125 21.34 19.23 18.21
N ILE E 126 20.23 19.97 18.23
CA ILE E 126 18.95 19.35 17.90
C ILE E 126 18.75 19.24 16.39
N ASP E 127 18.88 20.34 15.66
CA ASP E 127 18.48 20.35 14.27
C ASP E 127 19.42 19.56 13.37
N GLN E 128 20.63 19.24 13.82
CA GLN E 128 21.56 18.46 13.02
C GLN E 128 21.93 17.13 13.63
N LEU E 129 21.50 16.85 14.87
CA LEU E 129 21.85 15.64 15.63
C LEU E 129 23.36 15.46 15.80
N ASN E 130 24.10 16.54 15.83
CA ASN E 130 25.53 16.42 16.11
C ASN E 130 25.74 16.46 17.60
N PRO E 131 26.54 15.55 18.17
CA PRO E 131 26.86 15.65 19.59
C PRO E 131 27.77 16.84 19.84
N ALA E 132 27.67 17.39 21.04
CA ALA E 132 28.45 18.56 21.41
C ALA E 132 29.91 18.17 21.57
N TYR E 133 30.73 18.57 20.61
CA TYR E 133 32.15 18.27 20.68
C TYR E 133 32.96 19.38 20.01
N ALA F 2 -44.97 -4.36 17.27
CA ALA F 2 -46.22 -4.37 16.51
C ALA F 2 -46.08 -5.24 15.27
N LYS F 3 -45.54 -4.64 14.22
CA LYS F 3 -45.34 -5.35 12.97
C LYS F 3 -44.22 -4.66 12.20
N LEU F 4 -43.29 -5.44 11.66
CA LEU F 4 -42.18 -4.88 10.93
C LEU F 4 -42.65 -4.28 9.61
N GLU F 5 -41.97 -3.21 9.20
CA GLU F 5 -42.25 -2.53 7.94
C GLU F 5 -41.01 -1.75 7.55
N THR F 6 -41.06 -1.11 6.39
CA THR F 6 -39.93 -0.31 5.95
C THR F 6 -39.88 0.99 6.73
N VAL F 7 -39.07 1.01 7.78
CA VAL F 7 -38.93 2.21 8.60
C VAL F 7 -38.13 3.25 7.83
N THR F 8 -38.75 4.39 7.56
CA THR F 8 -38.07 5.49 6.91
C THR F 8 -37.65 6.53 7.94
N LEU F 9 -36.63 7.31 7.59
CA LEU F 9 -36.06 8.29 8.49
C LEU F 9 -35.71 9.55 7.72
N GLY F 10 -35.91 10.69 8.36
CA GLY F 10 -35.63 11.97 7.72
C GLY F 10 -34.88 12.89 8.66
N ASN F 11 -34.16 13.83 8.05
CA ASN F 11 -33.40 14.89 8.74
C ASN F 11 -32.38 14.31 9.71
N ILE F 12 -31.41 13.61 9.15
CA ILE F 12 -30.34 12.96 9.90
C ILE F 12 -29.01 13.43 9.36
N GLY F 13 -28.15 13.89 10.24
CA GLY F 13 -26.81 14.28 9.85
C GLY F 13 -26.34 15.44 10.71
N LYS F 14 -25.18 15.97 10.35
CA LYS F 14 -24.68 17.17 11.01
C LYS F 14 -25.56 18.37 10.67
N ASP F 15 -26.03 18.43 9.42
CA ASP F 15 -26.95 19.47 9.00
C ASP F 15 -28.41 19.07 9.19
N GLY F 16 -28.72 17.78 9.09
CA GLY F 16 -30.08 17.33 9.20
C GLY F 16 -30.81 17.36 7.87
N LYS F 17 -30.15 16.87 6.82
CA LYS F 17 -30.74 16.91 5.48
C LYS F 17 -30.72 15.55 4.82
N GLN F 18 -29.80 14.69 5.23
CA GLN F 18 -29.73 13.36 4.66
C GLN F 18 -30.86 12.49 5.20
N THR F 19 -31.21 11.46 4.43
CA THR F 19 -32.23 10.51 4.83
C THR F 19 -31.65 9.10 4.86
N LEU F 20 -32.46 8.17 5.32
CA LEU F 20 -32.04 6.78 5.43
C LEU F 20 -33.28 5.91 5.46
N VAL F 21 -33.28 4.84 4.67
CA VAL F 21 -34.41 3.93 4.61
C VAL F 21 -33.92 2.54 5.02
N LEU F 22 -34.78 1.79 5.69
CA LEU F 22 -34.42 0.47 6.19
C LEU F 22 -35.45 -0.55 5.74
N ASN F 23 -35.03 -1.81 5.71
CA ASN F 23 -35.91 -2.89 5.29
C ASN F 23 -35.93 -3.99 6.33
N PRO F 24 -37.07 -4.63 6.56
CA PRO F 24 -37.11 -5.71 7.54
C PRO F 24 -36.45 -6.98 7.01
N ARG F 25 -35.75 -7.67 7.90
CA ARG F 25 -35.09 -8.92 7.57
C ARG F 25 -35.36 -9.97 8.63
N GLY F 26 -36.62 -10.13 9.00
CA GLY F 26 -37.07 -11.29 9.73
C GLY F 26 -36.71 -11.24 11.22
N VAL F 27 -37.32 -12.15 11.95
CA VAL F 27 -37.16 -12.25 13.39
C VAL F 27 -36.44 -13.55 13.69
N ASN F 28 -35.29 -13.46 14.34
CA ASN F 28 -34.57 -14.64 14.78
C ASN F 28 -35.33 -15.30 15.91
N PRO F 29 -35.83 -16.52 15.76
CA PRO F 29 -36.62 -17.15 16.82
C PRO F 29 -35.77 -17.74 17.94
N THR F 30 -34.45 -17.72 17.80
CA THR F 30 -33.60 -18.27 18.85
C THR F 30 -33.60 -17.37 20.09
N ASN F 31 -33.50 -16.06 19.89
CA ASN F 31 -33.48 -15.16 21.05
C ASN F 31 -34.33 -13.90 20.84
N GLY F 32 -35.35 -13.95 19.99
CA GLY F 32 -36.32 -12.88 19.88
C GLY F 32 -35.82 -11.58 19.31
N VAL F 33 -34.65 -11.58 18.69
CA VAL F 33 -34.00 -10.36 18.25
C VAL F 33 -34.49 -10.03 16.84
N ALA F 34 -35.27 -8.98 16.70
CA ALA F 34 -35.65 -8.51 15.38
C ALA F 34 -34.47 -7.81 14.70
N SER F 35 -34.63 -7.51 13.43
CA SER F 35 -33.52 -6.89 12.69
C SER F 35 -34.07 -5.99 11.60
N LEU F 36 -33.31 -4.94 11.31
CA LEU F 36 -33.55 -4.08 10.17
C LEU F 36 -32.22 -3.89 9.47
N SER F 37 -32.26 -3.46 8.22
CA SER F 37 -31.03 -3.32 7.46
C SER F 37 -31.21 -2.32 6.34
N GLN F 38 -30.09 -1.77 5.91
CA GLN F 38 -30.03 -0.93 4.71
C GLN F 38 -29.86 -1.83 3.50
N ALA F 39 -30.53 -1.49 2.41
CA ALA F 39 -30.54 -2.31 1.21
C ALA F 39 -29.20 -2.20 0.49
N GLY F 40 -28.22 -2.97 0.98
CA GLY F 40 -26.93 -3.05 0.36
C GLY F 40 -26.73 -4.36 -0.39
N ALA F 41 -25.57 -4.48 -1.02
CA ALA F 41 -25.22 -5.67 -1.78
C ALA F 41 -24.41 -6.67 -0.96
N VAL F 42 -23.22 -6.26 -0.53
CA VAL F 42 -22.34 -7.15 0.21
C VAL F 42 -22.80 -7.18 1.67
N PRO F 43 -23.01 -8.35 2.27
CA PRO F 43 -23.60 -8.41 3.62
C PRO F 43 -22.68 -8.04 4.75
N ALA F 44 -21.52 -7.46 4.50
CA ALA F 44 -20.67 -6.93 5.57
C ALA F 44 -20.39 -5.45 5.39
N LEU F 45 -21.14 -4.77 4.53
CA LEU F 45 -20.96 -3.35 4.27
C LEU F 45 -22.28 -2.60 4.38
N GLU F 46 -23.13 -3.00 5.32
CA GLU F 46 -24.45 -2.40 5.43
C GLU F 46 -24.77 -2.11 6.88
N LYS F 47 -25.55 -1.05 7.08
CA LYS F 47 -25.96 -0.61 8.40
C LYS F 47 -27.09 -1.49 8.90
N ARG F 48 -27.12 -1.72 10.21
CA ARG F 48 -28.17 -2.58 10.74
C ARG F 48 -28.57 -2.13 12.14
N VAL F 49 -29.81 -2.44 12.50
CA VAL F 49 -30.43 -2.02 13.75
C VAL F 49 -31.17 -3.22 14.32
N THR F 50 -30.92 -3.56 15.58
CA THR F 50 -31.64 -4.64 16.23
C THR F 50 -32.45 -4.10 17.40
N VAL F 51 -33.44 -4.90 17.82
CA VAL F 51 -34.31 -4.55 18.94
C VAL F 51 -34.91 -5.84 19.47
N SER F 52 -34.92 -5.97 20.80
CA SER F 52 -35.34 -7.24 21.39
C SER F 52 -35.87 -7.00 22.80
N VAL F 53 -37.19 -7.11 22.96
CA VAL F 53 -37.75 -7.10 24.30
C VAL F 53 -37.45 -8.44 24.97
N SER F 54 -37.58 -8.47 26.29
CA SER F 54 -37.34 -9.69 27.05
C SER F 54 -38.38 -9.82 28.14
N GLN F 55 -38.42 -10.94 28.79
CA GLN F 55 -39.45 -11.17 29.78
C GLN F 55 -38.86 -11.63 31.10
N PRO F 56 -39.53 -11.40 32.22
CA PRO F 56 -38.96 -11.83 33.51
C PRO F 56 -39.04 -13.34 33.68
N SER F 57 -37.90 -13.95 33.95
CA SER F 57 -37.82 -15.36 34.30
C SER F 57 -37.88 -15.49 35.82
N ARG F 58 -37.55 -16.67 36.33
CA ARG F 58 -37.43 -16.88 37.77
C ARG F 58 -36.11 -16.37 38.33
N ASN F 59 -35.24 -15.80 37.50
CA ASN F 59 -33.93 -15.33 37.91
C ASN F 59 -33.78 -13.82 37.85
N ARG F 60 -34.36 -13.17 36.84
CA ARG F 60 -34.06 -11.78 36.54
C ARG F 60 -35.12 -10.81 37.06
N LYS F 61 -36.40 -11.14 36.90
CA LYS F 61 -37.55 -10.48 37.54
C LYS F 61 -37.76 -9.04 37.04
N ASN F 62 -37.18 -8.67 35.90
CA ASN F 62 -37.34 -7.33 35.35
C ASN F 62 -37.38 -7.39 33.84
N TYR F 63 -38.22 -6.57 33.24
CA TYR F 63 -38.21 -6.40 31.80
C TYR F 63 -36.92 -5.72 31.35
N LYS F 64 -36.58 -5.90 30.09
CA LYS F 64 -35.31 -5.38 29.60
C LYS F 64 -35.40 -5.20 28.09
N VAL F 65 -35.60 -3.97 27.66
CA VAL F 65 -35.61 -3.63 26.25
C VAL F 65 -34.18 -3.25 25.86
N GLN F 66 -33.73 -3.68 24.69
CA GLN F 66 -32.35 -3.44 24.31
C GLN F 66 -32.23 -3.20 22.81
N VAL F 67 -31.53 -2.13 22.44
CA VAL F 67 -31.41 -1.68 21.05
C VAL F 67 -29.94 -1.53 20.72
N LYS F 68 -29.50 -2.11 19.61
CA LYS F 68 -28.13 -2.00 19.16
C LYS F 68 -28.07 -1.44 17.76
N ILE F 69 -27.05 -0.61 17.50
CA ILE F 69 -26.82 0.02 16.20
C ILE F 69 -25.34 -0.10 15.88
N GLN F 70 -25.01 -0.52 14.67
CA GLN F 70 -23.63 -0.44 14.22
C GLN F 70 -23.56 0.13 12.81
N ASN F 71 -22.46 0.80 12.51
CA ASN F 71 -22.27 1.44 11.21
C ASN F 71 -20.86 1.19 10.71
N PRO F 72 -20.68 0.23 9.86
CA PRO F 72 -19.39 -0.05 9.32
C PRO F 72 -19.18 0.83 8.18
N THR F 73 -17.99 1.35 8.03
CA THR F 73 -17.65 2.25 6.94
C THR F 73 -16.56 1.56 6.24
N ALA F 74 -16.62 1.47 4.93
CA ALA F 74 -15.63 0.71 4.24
C ALA F 74 -14.95 1.41 3.13
N CYS F 75 -13.66 1.21 2.98
CA CYS F 75 -12.94 1.83 1.91
C CYS F 75 -11.97 0.81 1.38
N THR F 76 -11.72 0.79 0.09
CA THR F 76 -10.80 -0.17 -0.47
C THR F 76 -9.43 0.11 -0.03
N ALA F 77 -8.73 -0.93 0.32
CA ALA F 77 -7.34 -0.81 0.66
C ALA F 77 -6.52 -0.83 -0.60
N ASN F 78 -5.25 -0.49 -0.51
CA ASN F 78 -4.46 -0.45 -1.72
C ASN F 78 -4.24 -1.74 -2.50
N GLY F 79 -3.98 -2.84 -1.84
CA GLY F 79 -3.76 -4.06 -2.59
C GLY F 79 -4.95 -4.62 -3.32
N SER F 80 -6.10 -4.56 -2.64
CA SER F 80 -7.37 -5.12 -3.09
C SER F 80 -8.16 -4.45 -4.18
N CYS F 81 -9.17 -5.18 -4.64
CA CYS F 81 -10.08 -4.67 -5.62
C CYS F 81 -11.54 -4.61 -5.15
N ASP F 82 -11.79 -4.97 -3.91
CA ASP F 82 -13.15 -4.94 -3.37
C ASP F 82 -13.15 -4.11 -2.15
N PRO F 83 -14.18 -3.32 -1.94
CA PRO F 83 -14.18 -2.50 -0.74
C PRO F 83 -14.19 -3.31 0.53
N SER F 84 -13.49 -2.89 1.58
CA SER F 84 -13.43 -3.67 2.81
C SER F 84 -13.73 -2.87 4.06
N VAL F 85 -14.30 -3.49 5.06
CA VAL F 85 -14.64 -2.83 6.30
C VAL F 85 -13.42 -2.40 7.03
N THR F 86 -13.39 -1.20 7.60
CA THR F 86 -12.23 -0.83 8.39
C THR F 86 -12.57 -0.61 9.85
N ARG F 87 -13.35 0.40 10.14
CA ARG F 87 -13.70 0.72 11.51
C ARG F 87 -15.19 0.65 11.66
N GLN F 88 -15.44 0.61 12.89
CA GLN F 88 -16.78 0.33 13.37
C GLN F 88 -17.25 1.53 14.17
N ALA F 89 -18.54 1.56 14.48
CA ALA F 89 -19.11 2.60 15.32
C ALA F 89 -20.35 2.01 16.00
N TYR F 90 -20.21 1.59 17.24
CA TYR F 90 -21.27 0.86 17.88
C TYR F 90 -22.20 1.82 18.62
N ALA F 91 -23.26 1.26 19.20
CA ALA F 91 -24.18 1.99 20.06
C ALA F 91 -24.91 0.97 20.90
N ASP F 92 -25.56 1.45 21.96
CA ASP F 92 -26.26 0.55 22.87
C ASP F 92 -27.23 1.38 23.70
N VAL F 93 -28.44 0.86 23.86
CA VAL F 93 -29.45 1.45 24.74
C VAL F 93 -30.14 0.30 25.44
N THR F 94 -30.14 0.30 26.77
CA THR F 94 -30.86 -0.70 27.55
C THR F 94 -31.80 -0.01 28.52
N PHE F 95 -32.98 -0.57 28.69
CA PHE F 95 -33.97 -0.09 29.64
C PHE F 95 -34.21 -1.18 30.67
N SER F 96 -34.64 -0.80 31.87
CA SER F 96 -34.79 -1.78 32.95
C SER F 96 -36.04 -1.52 33.77
N PHE F 97 -37.19 -1.38 33.10
CA PHE F 97 -38.44 -1.12 33.79
C PHE F 97 -38.85 -2.27 34.68
N THR F 98 -39.47 -1.94 35.82
CA THR F 98 -39.87 -2.96 36.77
C THR F 98 -41.28 -3.44 36.45
N GLN F 99 -41.85 -4.25 37.34
CA GLN F 99 -43.06 -4.99 37.02
C GLN F 99 -44.31 -4.14 37.13
N TYR F 100 -44.44 -3.36 38.21
CA TYR F 100 -45.65 -2.61 38.47
C TYR F 100 -45.63 -1.21 37.88
N SER F 101 -44.74 -0.93 36.94
CA SER F 101 -44.63 0.41 36.40
C SER F 101 -45.78 0.68 35.44
N THR F 102 -46.30 1.90 35.49
CA THR F 102 -47.35 2.32 34.57
C THR F 102 -46.74 2.73 33.24
N ASP F 103 -47.56 3.26 32.34
CA ASP F 103 -47.06 3.59 31.02
C ASP F 103 -46.62 5.04 30.88
N GLU F 104 -47.08 5.95 31.75
CA GLU F 104 -46.63 7.32 31.68
C GLU F 104 -45.14 7.43 32.02
N GLU F 105 -44.70 6.65 33.00
CA GLU F 105 -43.29 6.61 33.36
C GLU F 105 -42.44 6.06 32.22
N ARG F 106 -42.92 4.99 31.58
CA ARG F 106 -42.19 4.38 30.49
C ARG F 106 -42.13 5.29 29.28
N ALA F 107 -43.16 6.11 29.06
CA ALA F 107 -43.07 7.08 27.99
C ALA F 107 -42.20 8.27 28.37
N PHE F 108 -42.17 8.61 29.66
CA PHE F 108 -41.43 9.77 30.12
C PHE F 108 -39.92 9.55 29.99
N VAL F 109 -39.46 8.33 30.26
CA VAL F 109 -38.04 8.02 30.13
C VAL F 109 -37.59 8.12 28.68
N ARG F 110 -38.38 7.55 27.77
CA ARG F 110 -38.08 7.62 26.34
C ARG F 110 -38.11 9.05 25.83
N THR F 111 -39.08 9.84 26.29
CA THR F 111 -39.19 11.22 25.85
C THR F 111 -38.01 12.06 26.31
N GLU F 112 -37.58 11.90 27.57
CA GLU F 112 -36.48 12.73 28.02
C GLU F 112 -35.15 12.25 27.44
N LEU F 113 -35.04 10.98 27.07
CA LEU F 113 -33.81 10.55 26.40
C LEU F 113 -33.74 11.11 24.99
N ALA F 114 -34.86 11.07 24.26
CA ALA F 114 -34.88 11.62 22.91
C ALA F 114 -34.73 13.14 22.91
N ALA F 115 -35.14 13.80 23.98
CA ALA F 115 -34.90 15.24 24.06
C ALA F 115 -33.49 15.56 24.50
N LEU F 116 -32.89 14.74 25.36
CA LEU F 116 -31.57 15.02 25.87
C LEU F 116 -30.47 14.66 24.88
N LEU F 117 -30.77 13.83 23.88
CA LEU F 117 -29.78 13.62 22.82
C LEU F 117 -29.70 14.76 21.81
N ALA F 118 -30.29 15.93 22.09
CA ALA F 118 -30.14 17.09 21.21
C ALA F 118 -29.80 18.36 21.99
N SER F 119 -29.50 18.24 23.28
CA SER F 119 -29.08 19.38 24.07
C SER F 119 -27.68 19.80 23.64
N PRO F 120 -27.30 21.08 23.84
CA PRO F 120 -25.97 21.51 23.41
C PRO F 120 -24.83 20.88 24.17
N LEU F 121 -25.04 20.51 25.44
CA LEU F 121 -24.01 19.82 26.20
C LEU F 121 -23.70 18.45 25.60
N LEU F 122 -24.72 17.74 25.16
CA LEU F 122 -24.50 16.37 24.73
C LEU F 122 -23.88 16.33 23.34
N ILE F 123 -24.27 17.23 22.44
CA ILE F 123 -23.59 17.28 21.15
C ILE F 123 -22.23 17.93 21.26
N ASP F 124 -21.98 18.73 22.30
CA ASP F 124 -20.62 19.13 22.58
C ASP F 124 -19.80 17.95 23.05
N ALA F 125 -20.42 17.01 23.77
CA ALA F 125 -19.68 15.86 24.28
C ALA F 125 -19.37 14.85 23.18
N ILE F 126 -20.34 14.52 22.33
CA ILE F 126 -20.11 13.45 21.36
C ILE F 126 -19.34 13.97 20.15
N ASP F 127 -19.83 15.03 19.51
CA ASP F 127 -19.27 15.44 18.23
C ASP F 127 -17.88 16.05 18.33
N GLN F 128 -17.44 16.46 19.52
CA GLN F 128 -16.12 17.02 19.69
C GLN F 128 -15.22 16.23 20.62
N LEU F 129 -15.75 15.20 21.29
CA LEU F 129 -15.05 14.38 22.29
C LEU F 129 -14.50 15.21 23.44
N ASN F 130 -15.14 16.32 23.75
CA ASN F 130 -14.71 17.08 24.93
C ASN F 130 -15.41 16.54 26.16
N PRO F 131 -14.69 16.28 27.25
CA PRO F 131 -15.37 15.89 28.48
C PRO F 131 -16.15 17.05 29.05
N ALA F 132 -17.22 16.73 29.77
CA ALA F 132 -18.09 17.74 30.35
C ALA F 132 -17.37 18.42 31.50
N TYR F 133 -16.95 19.66 31.28
CA TYR F 133 -16.28 20.42 32.31
C TYR F 133 -16.57 21.90 32.17
N ALA G 2 -21.48 -43.07 -17.27
CA ALA G 2 -21.52 -43.59 -18.63
C ALA G 2 -20.16 -43.39 -19.30
N LYS G 3 -19.96 -42.19 -19.84
CA LYS G 3 -18.71 -41.85 -20.50
C LYS G 3 -18.54 -40.34 -20.45
N LEU G 4 -17.34 -39.89 -20.11
CA LEU G 4 -17.08 -38.47 -20.03
C LEU G 4 -17.08 -37.84 -21.42
N GLU G 5 -17.52 -36.58 -21.47
CA GLU G 5 -17.56 -35.81 -22.69
C GLU G 5 -17.61 -34.34 -22.31
N THR G 6 -17.57 -33.47 -23.32
CA THR G 6 -17.65 -32.04 -23.06
C THR G 6 -19.07 -31.65 -22.67
N VAL G 7 -19.33 -31.58 -21.37
CA VAL G 7 -20.65 -31.21 -20.90
C VAL G 7 -20.86 -29.72 -21.13
N THR G 8 -21.85 -29.39 -21.94
CA THR G 8 -22.21 -27.99 -22.18
C THR G 8 -23.42 -27.62 -21.33
N LEU G 9 -23.55 -26.32 -21.08
CA LEU G 9 -24.59 -25.81 -20.21
C LEU G 9 -25.14 -24.51 -20.78
N GLY G 10 -26.44 -24.30 -20.65
CA GLY G 10 -27.07 -23.11 -21.16
C GLY G 10 -28.04 -22.53 -20.15
N ASN G 11 -28.27 -21.22 -20.28
CA ASN G 11 -29.22 -20.43 -19.49
C ASN G 11 -28.89 -20.51 -18.00
N ILE G 12 -27.72 -19.98 -17.65
CA ILE G 12 -27.23 -19.97 -16.29
C ILE G 12 -26.91 -18.53 -15.90
N GLY G 13 -27.43 -18.10 -14.78
CA GLY G 13 -27.13 -16.79 -14.25
C GLY G 13 -28.33 -16.22 -13.54
N LYS G 14 -28.20 -14.95 -13.14
CA LYS G 14 -29.34 -14.26 -12.55
C LYS G 14 -30.43 -14.03 -13.57
N ASP G 15 -30.03 -13.74 -14.81
CA ASP G 15 -30.97 -13.59 -15.92
C ASP G 15 -31.22 -14.90 -16.66
N GLY G 16 -30.22 -15.79 -16.69
CA GLY G 16 -30.35 -17.03 -17.42
C GLY G 16 -29.96 -16.89 -18.88
N LYS G 17 -28.84 -16.21 -19.15
CA LYS G 17 -28.42 -15.96 -20.51
C LYS G 17 -26.98 -16.39 -20.74
N GLN G 18 -26.18 -16.43 -19.69
CA GLN G 18 -24.80 -16.85 -19.82
C GLN G 18 -24.73 -18.36 -20.02
N THR G 19 -23.63 -18.81 -20.62
CA THR G 19 -23.38 -20.23 -20.81
C THR G 19 -22.06 -20.61 -20.15
N LEU G 20 -21.79 -21.92 -20.18
CA LEU G 20 -20.58 -22.46 -19.56
C LEU G 20 -20.29 -23.80 -20.21
N VAL G 21 -19.05 -24.03 -20.60
CA VAL G 21 -18.64 -25.28 -21.20
C VAL G 21 -17.56 -25.89 -20.34
N LEU G 22 -17.55 -27.23 -20.27
CA LEU G 22 -16.61 -27.95 -19.42
C LEU G 22 -15.89 -29.01 -20.25
N ASN G 23 -14.72 -29.41 -19.77
CA ASN G 23 -13.92 -30.41 -20.45
C ASN G 23 -13.54 -31.52 -19.50
N PRO G 24 -13.50 -32.77 -19.96
CA PRO G 24 -13.11 -33.87 -19.07
C PRO G 24 -11.63 -33.86 -18.80
N ARG G 25 -11.27 -34.20 -17.57
CA ARG G 25 -9.86 -34.27 -17.15
C ARG G 25 -9.62 -35.54 -16.35
N GLY G 26 -10.08 -36.66 -16.88
CA GLY G 26 -9.65 -37.96 -16.41
C GLY G 26 -10.28 -38.39 -15.10
N VAL G 27 -10.10 -39.66 -14.80
CA VAL G 27 -10.66 -40.29 -13.61
C VAL G 27 -9.53 -40.65 -12.68
N ASN G 28 -9.54 -40.12 -11.47
CA ASN G 28 -8.56 -40.48 -10.47
C ASN G 28 -8.83 -41.91 -10.01
N PRO G 29 -7.91 -42.85 -10.23
CA PRO G 29 -8.18 -44.24 -9.84
C PRO G 29 -7.97 -44.51 -8.36
N THR G 30 -7.48 -43.53 -7.60
CA THR G 30 -7.28 -43.74 -6.17
C THR G 30 -8.61 -43.83 -5.44
N ASN G 31 -9.55 -42.95 -5.76
CA ASN G 31 -10.83 -42.96 -5.05
C ASN G 31 -12.02 -42.76 -5.98
N GLY G 32 -11.89 -43.09 -7.26
CA GLY G 32 -13.03 -43.11 -8.16
C GLY G 32 -13.64 -41.77 -8.50
N VAL G 33 -12.97 -40.67 -8.18
CA VAL G 33 -13.54 -39.35 -8.32
C VAL G 33 -13.27 -38.84 -9.73
N ALA G 34 -14.32 -38.72 -10.53
CA ALA G 34 -14.17 -38.10 -11.83
C ALA G 34 -14.04 -36.59 -11.69
N SER G 35 -13.71 -35.92 -12.79
CA SER G 35 -13.50 -34.48 -12.73
C SER G 35 -13.87 -33.84 -14.04
N LEU G 36 -14.35 -32.60 -13.95
CA LEU G 36 -14.56 -31.75 -15.10
C LEU G 36 -13.94 -30.41 -14.79
N SER G 37 -13.70 -29.60 -15.82
CA SER G 37 -13.04 -28.33 -15.59
C SER G 37 -13.37 -27.36 -16.73
N GLN G 38 -13.25 -26.08 -16.41
CA GLN G 38 -13.33 -25.03 -17.41
C GLN G 38 -11.95 -24.83 -18.01
N ALA G 39 -11.92 -24.58 -19.33
CA ALA G 39 -10.66 -24.49 -20.06
C ALA G 39 -9.97 -23.17 -19.73
N GLY G 40 -9.27 -23.16 -18.61
CA GLY G 40 -8.48 -22.03 -18.19
C GLY G 40 -7.00 -22.27 -18.39
N ALA G 41 -6.21 -21.24 -18.08
CA ALA G 41 -4.76 -21.31 -18.20
C ALA G 41 -4.09 -21.67 -16.88
N VAL G 42 -4.24 -20.84 -15.87
CA VAL G 42 -3.61 -21.09 -14.58
C VAL G 42 -4.44 -22.11 -13.81
N PRO G 43 -3.84 -23.18 -13.28
CA PRO G 43 -4.64 -24.25 -12.68
C PRO G 43 -5.19 -23.95 -11.30
N ALA G 44 -5.17 -22.71 -10.82
CA ALA G 44 -5.84 -22.35 -9.60
C ALA G 44 -6.85 -21.24 -9.81
N LEU G 45 -7.23 -20.96 -11.06
CA LEU G 45 -8.21 -19.94 -11.38
C LEU G 45 -9.29 -20.48 -12.29
N GLU G 46 -9.70 -21.73 -12.09
CA GLU G 46 -10.67 -22.35 -12.97
C GLU G 46 -11.72 -23.09 -12.16
N LYS G 47 -12.93 -23.12 -12.72
CA LYS G 47 -14.05 -23.78 -12.09
C LYS G 47 -13.95 -25.28 -12.29
N ARG G 48 -14.42 -26.05 -11.32
CA ARG G 48 -14.32 -27.50 -11.45
C ARG G 48 -15.49 -28.18 -10.76
N VAL G 49 -15.81 -29.37 -11.24
CA VAL G 49 -16.96 -30.15 -10.80
C VAL G 49 -16.50 -31.60 -10.65
N THR G 50 -16.77 -32.20 -9.49
CA THR G 50 -16.43 -33.60 -9.29
C THR G 50 -17.69 -34.41 -9.06
N VAL G 51 -17.58 -35.72 -9.24
CA VAL G 51 -18.69 -36.65 -9.06
C VAL G 51 -18.09 -38.03 -8.82
N SER G 52 -18.64 -38.74 -7.83
CA SER G 52 -18.03 -40.01 -7.43
C SER G 52 -19.07 -40.90 -6.79
N VAL G 53 -19.50 -41.94 -7.51
CA VAL G 53 -20.33 -42.96 -6.89
C VAL G 53 -19.49 -43.81 -5.96
N SER G 54 -20.13 -44.54 -5.06
CA SER G 54 -19.44 -45.41 -4.12
C SER G 54 -20.20 -46.71 -3.98
N GLN G 55 -19.62 -47.65 -3.32
CA GLN G 55 -20.25 -48.96 -3.22
C GLN G 55 -20.31 -49.42 -1.78
N PRO G 56 -21.27 -50.29 -1.43
CA PRO G 56 -21.36 -50.75 -0.03
C PRO G 56 -20.25 -51.71 0.31
N SER G 57 -19.51 -51.39 1.37
CA SER G 57 -18.52 -52.29 1.92
C SER G 57 -19.17 -53.12 3.03
N ARG G 58 -18.35 -53.79 3.84
CA ARG G 58 -18.84 -54.50 5.01
C ARG G 58 -19.09 -53.58 6.20
N ASN G 59 -18.87 -52.27 6.05
CA ASN G 59 -19.02 -51.30 7.12
C ASN G 59 -20.18 -50.34 6.90
N ARG G 60 -20.40 -49.90 5.66
CA ARG G 60 -21.28 -48.79 5.38
C ARG G 60 -22.67 -49.21 4.89
N LYS G 61 -22.73 -50.20 4.01
CA LYS G 61 -23.95 -50.92 3.60
C LYS G 61 -24.95 -50.03 2.85
N ASN G 62 -24.51 -48.89 2.33
CA ASN G 62 -25.38 -48.00 1.57
C ASN G 62 -24.61 -47.35 0.43
N TYR G 63 -25.26 -47.18 -0.71
CA TYR G 63 -24.69 -46.40 -1.78
C TYR G 63 -24.61 -44.94 -1.40
N LYS G 64 -23.74 -44.20 -2.07
CA LYS G 64 -23.50 -42.81 -1.70
C LYS G 64 -22.96 -42.07 -2.91
N VAL G 65 -23.80 -41.33 -3.57
CA VAL G 65 -23.41 -40.47 -4.68
C VAL G 65 -23.06 -39.11 -4.11
N GLN G 66 -22.00 -38.48 -4.60
CA GLN G 66 -21.56 -37.23 -4.02
C GLN G 66 -20.99 -36.30 -5.09
N VAL G 67 -21.45 -35.06 -5.11
CA VAL G 67 -21.11 -34.07 -6.13
C VAL G 67 -20.59 -32.82 -5.43
N LYS G 68 -19.44 -32.32 -5.88
CA LYS G 68 -18.86 -31.10 -5.32
C LYS G 68 -18.62 -30.08 -6.41
N ILE G 69 -18.83 -28.80 -6.09
CA ILE G 69 -18.64 -27.69 -7.02
C ILE G 69 -17.91 -26.60 -6.27
N GLN G 70 -16.86 -26.03 -6.86
CA GLN G 70 -16.26 -24.82 -6.30
C GLN G 70 -16.03 -23.81 -7.42
N ASN G 71 -16.06 -22.53 -7.04
CA ASN G 71 -15.90 -21.44 -7.99
C ASN G 71 -14.99 -20.37 -7.38
N PRO G 72 -13.69 -20.40 -7.69
CA PRO G 72 -12.81 -19.33 -7.21
C PRO G 72 -13.03 -18.06 -8.00
N THR G 73 -12.85 -16.99 -7.31
CA THR G 73 -12.89 -15.75 -8.07
C THR G 73 -11.59 -14.99 -7.98
N ALA G 74 -11.18 -14.37 -9.06
CA ALA G 74 -9.92 -13.70 -9.03
C ALA G 74 -9.92 -12.23 -9.28
N CYS G 75 -9.24 -11.50 -8.42
CA CYS G 75 -9.16 -10.08 -8.57
C CYS G 75 -8.01 -9.79 -9.47
N THR G 76 -8.03 -8.65 -10.11
CA THR G 76 -7.02 -8.26 -11.07
C THR G 76 -5.73 -7.74 -10.52
N ALA G 77 -4.80 -7.51 -11.41
CA ALA G 77 -3.47 -7.09 -11.04
C ALA G 77 -3.37 -5.79 -10.29
N ASN G 78 -2.43 -5.75 -9.36
CA ASN G 78 -2.18 -4.59 -8.54
C ASN G 78 -0.87 -3.96 -8.91
N GLY G 79 -0.02 -4.73 -9.58
CA GLY G 79 1.25 -4.18 -9.99
C GLY G 79 1.41 -4.44 -11.46
N SER G 80 1.40 -5.74 -11.71
CA SER G 80 1.51 -6.37 -12.97
C SER G 80 1.48 -7.83 -12.70
N CYS G 81 1.72 -8.28 -11.47
CA CYS G 81 1.78 -9.69 -11.18
C CYS G 81 0.37 -10.16 -11.37
N ASP G 82 0.19 -11.28 -12.03
CA ASP G 82 -1.14 -11.73 -12.34
C ASP G 82 -2.02 -12.27 -11.28
N PRO G 83 -3.30 -12.29 -11.57
CA PRO G 83 -4.57 -12.67 -10.97
C PRO G 83 -4.42 -13.58 -9.81
N SER G 84 -5.04 -13.26 -8.68
CA SER G 84 -4.92 -14.06 -7.48
C SER G 84 -6.25 -14.55 -7.02
N VAL G 85 -6.29 -15.53 -6.14
CA VAL G 85 -7.56 -16.03 -5.72
C VAL G 85 -7.94 -15.59 -4.35
N THR G 86 -9.05 -14.88 -4.25
CA THR G 86 -9.49 -14.38 -2.96
C THR G 86 -10.57 -15.08 -2.20
N ARG G 87 -11.66 -15.47 -2.83
CA ARG G 87 -12.75 -16.09 -2.13
C ARG G 87 -13.18 -17.35 -2.77
N GLN G 88 -13.90 -18.20 -2.09
CA GLN G 88 -14.35 -19.43 -2.69
C GLN G 88 -15.80 -19.63 -2.44
N ALA G 89 -16.49 -20.46 -3.19
CA ALA G 89 -17.87 -20.67 -2.89
C ALA G 89 -18.31 -22.08 -3.00
N TYR G 90 -17.94 -22.96 -2.11
CA TYR G 90 -18.30 -24.34 -2.27
C TYR G 90 -19.72 -24.76 -2.31
N ALA G 91 -19.95 -25.97 -2.71
CA ALA G 91 -21.25 -26.60 -2.81
C ALA G 91 -21.07 -28.06 -2.48
N ASP G 92 -22.18 -28.75 -2.21
CA ASP G 92 -22.13 -30.15 -1.84
C ASP G 92 -23.51 -30.74 -2.00
N VAL G 93 -23.58 -31.94 -2.58
CA VAL G 93 -24.79 -32.73 -2.70
C VAL G 93 -24.42 -34.17 -2.42
N THR G 94 -25.08 -34.79 -1.44
CA THR G 94 -24.88 -36.20 -1.16
C THR G 94 -26.21 -36.93 -1.18
N PHE G 95 -26.22 -38.13 -1.73
CA PHE G 95 -27.40 -38.98 -1.74
C PHE G 95 -27.08 -40.24 -0.96
N SER G 96 -28.12 -40.88 -0.41
CA SER G 96 -27.89 -42.04 0.45
C SER G 96 -28.91 -43.14 0.19
N PHE G 97 -29.07 -43.53 -1.07
CA PHE G 97 -30.03 -44.57 -1.43
C PHE G 97 -29.66 -45.92 -0.82
N THR G 98 -30.67 -46.68 -0.45
CA THR G 98 -30.44 -47.97 0.18
C THR G 98 -30.34 -49.06 -0.89
N GLN G 99 -30.32 -50.31 -0.46
CA GLN G 99 -29.94 -51.40 -1.35
C GLN G 99 -31.10 -51.84 -2.24
N TYR G 100 -32.30 -52.00 -1.67
CA TYR G 100 -33.44 -52.54 -2.41
C TYR G 100 -34.27 -51.47 -3.08
N SER G 101 -33.76 -50.26 -3.24
CA SER G 101 -34.53 -49.19 -3.81
C SER G 101 -34.67 -49.38 -5.31
N THR G 102 -35.85 -49.07 -5.83
CA THR G 102 -36.08 -49.14 -7.27
C THR G 102 -35.58 -47.86 -7.93
N ASP G 103 -35.83 -47.70 -9.22
CA ASP G 103 -35.30 -46.56 -9.93
C ASP G 103 -36.26 -45.39 -10.02
N GLU G 104 -37.56 -45.60 -9.83
CA GLU G 104 -38.51 -44.49 -9.83
C GLU G 104 -38.28 -43.59 -8.64
N GLU G 105 -37.99 -44.18 -7.48
CA GLU G 105 -37.65 -43.40 -6.28
C GLU G 105 -36.38 -42.59 -6.48
N ARG G 106 -35.37 -43.21 -7.07
CA ARG G 106 -34.09 -42.53 -7.29
C ARG G 106 -34.23 -41.41 -8.31
N ALA G 107 -35.12 -41.56 -9.28
CA ALA G 107 -35.36 -40.46 -10.19
C ALA G 107 -36.23 -39.38 -9.56
N PHE G 108 -37.12 -39.78 -8.65
CA PHE G 108 -38.05 -38.84 -8.04
C PHE G 108 -37.32 -37.88 -7.11
N VAL G 109 -36.31 -38.36 -6.39
CA VAL G 109 -35.54 -37.49 -5.50
C VAL G 109 -34.77 -36.45 -6.30
N ARG G 110 -34.12 -36.88 -7.39
CA ARG G 110 -33.38 -35.96 -8.26
C ARG G 110 -34.31 -34.94 -8.91
N THR G 111 -35.49 -35.39 -9.35
CA THR G 111 -36.43 -34.50 -9.99
C THR G 111 -36.95 -33.44 -9.03
N GLU G 112 -37.29 -33.82 -7.80
CA GLU G 112 -37.82 -32.82 -6.89
C GLU G 112 -36.72 -31.90 -6.38
N LEU G 113 -35.47 -32.36 -6.34
CA LEU G 113 -34.40 -31.43 -5.96
C LEU G 113 -34.14 -30.41 -7.05
N ALA G 114 -34.13 -30.86 -8.32
CA ALA G 114 -33.93 -29.93 -9.41
C ALA G 114 -35.10 -28.99 -9.59
N ALA G 115 -36.30 -29.41 -9.19
CA ALA G 115 -37.42 -28.47 -9.24
C ALA G 115 -37.44 -27.54 -8.05
N LEU G 116 -37.00 -27.99 -6.88
CA LEU G 116 -37.05 -27.18 -5.69
C LEU G 116 -35.92 -26.16 -5.64
N LEU G 117 -34.86 -26.34 -6.43
CA LEU G 117 -33.85 -25.29 -6.52
C LEU G 117 -34.25 -24.12 -7.41
N ALA G 118 -35.53 -24.00 -7.81
CA ALA G 118 -36.00 -22.85 -8.56
C ALA G 118 -37.29 -22.28 -8.01
N SER G 119 -37.73 -22.74 -6.84
CA SER G 119 -38.90 -22.19 -6.18
C SER G 119 -38.58 -20.79 -5.67
N PRO G 120 -39.59 -19.93 -5.50
CA PRO G 120 -39.31 -18.56 -5.03
C PRO G 120 -38.80 -18.50 -3.60
N LEU G 121 -39.18 -19.44 -2.75
CA LEU G 121 -38.66 -19.48 -1.39
C LEU G 121 -37.16 -19.74 -1.38
N LEU G 122 -36.69 -20.63 -2.25
CA LEU G 122 -35.30 -21.03 -2.17
C LEU G 122 -34.38 -19.98 -2.78
N ILE G 123 -34.81 -19.31 -3.86
CA ILE G 123 -34.00 -18.22 -4.38
C ILE G 123 -34.14 -16.97 -3.52
N ASP G 124 -35.21 -16.86 -2.75
CA ASP G 124 -35.24 -15.83 -1.72
C ASP G 124 -34.23 -16.15 -0.62
N ALA G 125 -34.03 -17.43 -0.34
CA ALA G 125 -33.10 -17.80 0.72
C ALA G 125 -31.65 -17.63 0.30
N ILE G 126 -31.28 -18.08 -0.89
CA ILE G 126 -29.87 -18.05 -1.27
C ILE G 126 -29.45 -16.67 -1.75
N ASP G 127 -30.16 -16.11 -2.72
CA ASP G 127 -29.69 -14.90 -3.38
C ASP G 127 -29.78 -13.66 -2.51
N GLN G 128 -30.55 -13.70 -1.43
CA GLN G 128 -30.66 -12.56 -0.55
C GLN G 128 -30.18 -12.82 0.87
N LEU G 129 -29.84 -14.07 1.21
CA LEU G 129 -29.43 -14.50 2.55
C LEU G 129 -30.48 -14.21 3.61
N ASN G 130 -31.75 -14.18 3.23
CA ASN G 130 -32.79 -14.02 4.22
C ASN G 130 -33.17 -15.37 4.77
N PRO G 131 -33.27 -15.54 6.08
CA PRO G 131 -33.77 -16.80 6.63
C PRO G 131 -35.24 -16.96 6.34
N ALA G 132 -35.67 -18.21 6.23
CA ALA G 132 -37.05 -18.51 5.90
C ALA G 132 -37.94 -18.18 7.09
N TYR G 133 -38.70 -17.11 6.98
CA TYR G 133 -39.60 -16.71 8.05
C TYR G 133 -40.83 -16.02 7.48
#